data_7KVK
#
_entry.id   7KVK
#
_cell.length_a   152.591
_cell.length_b   98.501
_cell.length_c   127.120
_cell.angle_alpha   90.00
_cell.angle_beta   142.59
_cell.angle_gamma   90.00
#
_symmetry.space_group_name_H-M   'C 1 2 1'
#
loop_
_entity.id
_entity.type
_entity.pdbx_description
1 polymer 'Cytochrome P450 3A4'
2 non-polymer 'PROTOPORPHYRIN IX CONTAINING FE'
3 non-polymer 'tert-butyl [(2R)-1-{[(2R)-1-oxo-3-phenyl-1-{[3-(pyridin-3-yl)propyl]amino}propan-2-yl]sulfanyl}-3-phenylpropan-2-yl]carbamate'
4 non-polymer 'SULFATE ION'
5 non-polymer GLYCEROL
6 non-polymer 1,2-ETHANEDIOL
7 water water
#
_entity_poly.entity_id   1
_entity_poly.type   'polypeptide(L)'
_entity_poly.pdbx_seq_one_letter_code
;MAYLYGTHSHGLFKKLGIPGPTPLPFLGNILSYHKGFCMFDMECHKKYGKVWGFYDGQQPVLAITDPDMIKTVLVKECYS
VFTNRRPFGPVGFMKSAISIAEDEEWKRLRSLLSPTFTSGKLKEMVPIIAQYGDVLVRNLRREAETGKPVTLKDVFGAYS
MDVITSTSFGVNIDSLNNPQDPFVENTKKLLRFDFLDPFFLSITVFPFLIPILEVLNICVFPREVTNFLRKSVKRMKESR
LEDTQKHRVDFLQLMIDSQNSKETESHKALSDLELVAQSIIFIFAGYETTSSVLSFIMYELATHPDVQQKLQEEIDAVLP
NKAPPTYDTVLQMEYLDMVVNETLRLFPIAMRLERVCKKDVEINGMFIPKGVVVMIPSYALHRDPKYWTEPEKFLPERFS
AKNADNIDPYIYTPFGSGPRNCIGMRFALMNMKLALIRVLQNFSFKPCKETQIPLKLSLGGLLQPEKPVVLKVESRDGTV
SGAHHHH
;
_entity_poly.pdbx_strand_id   A,B
#
loop_
_chem_comp.id
_chem_comp.type
_chem_comp.name
_chem_comp.formula
EDO non-polymer 1,2-ETHANEDIOL 'C2 H6 O2'
GOL non-polymer GLYCEROL 'C3 H8 O3'
HEM non-polymer 'PROTOPORPHYRIN IX CONTAINING FE' 'C34 H32 Fe N4 O4'
SO4 non-polymer 'SULFATE ION' 'O4 S -2'
X7J non-polymer 'tert-butyl [(2R)-1-{[(2R)-1-oxo-3-phenyl-1-{[3-(pyridin-3-yl)propyl]amino}propan-2-yl]sulfanyl}-3-phenylpropan-2-yl]carbamate' 'C31 H39 N3 O3 S'
#
# COMPACT_ATOMS: atom_id res chain seq x y z
N THR A 7 41.62 -17.30 12.86
CA THR A 7 41.08 -17.79 14.11
C THR A 7 40.24 -19.05 13.97
N HIS A 8 39.31 -19.22 14.88
CA HIS A 8 38.47 -20.39 14.92
C HIS A 8 37.27 -20.20 14.01
N SER A 9 36.96 -18.92 13.82
CA SER A 9 35.91 -18.48 12.95
C SER A 9 36.47 -18.54 11.55
N HIS A 10 37.71 -18.13 11.40
CA HIS A 10 38.34 -18.16 10.11
C HIS A 10 38.36 -19.46 9.44
N GLY A 11 37.80 -20.44 10.06
CA GLY A 11 37.69 -21.72 9.40
C GLY A 11 36.26 -22.22 9.35
N LEU A 12 35.30 -21.29 9.44
CA LEU A 12 33.89 -21.66 9.41
C LEU A 12 33.50 -22.20 8.04
N PHE A 13 33.90 -21.52 6.97
CA PHE A 13 33.49 -21.94 5.63
C PHE A 13 34.19 -23.20 5.18
N LYS A 14 35.39 -23.48 5.70
CA LYS A 14 36.02 -24.77 5.42
C LYS A 14 35.29 -25.90 6.12
N LYS A 15 34.71 -25.63 7.29
CA LYS A 15 33.85 -26.62 7.95
C LYS A 15 32.59 -26.87 7.13
N LEU A 16 31.95 -25.79 6.67
CA LEU A 16 30.72 -25.89 5.88
C LEU A 16 30.98 -26.29 4.43
N GLY A 17 32.23 -26.46 4.03
CA GLY A 17 32.54 -26.80 2.66
C GLY A 17 32.24 -25.71 1.67
N ILE A 18 32.27 -24.46 2.09
CA ILE A 18 31.96 -23.31 1.24
C ILE A 18 33.27 -22.68 0.80
N PRO A 19 33.51 -22.51 -0.50
CA PRO A 19 34.78 -21.93 -0.96
C PRO A 19 34.85 -20.44 -0.65
N GLY A 20 36.03 -19.88 -0.88
CA GLY A 20 36.27 -18.47 -0.63
C GLY A 20 37.74 -18.15 -0.48
N PRO A 21 38.07 -16.86 -0.50
CA PRO A 21 39.47 -16.45 -0.34
C PRO A 21 39.99 -16.74 1.05
N THR A 22 41.26 -17.10 1.13
CA THR A 22 41.90 -17.40 2.40
C THR A 22 42.02 -16.13 3.24
N PRO A 23 41.47 -16.09 4.46
CA PRO A 23 41.54 -14.88 5.27
C PRO A 23 42.83 -14.77 6.06
N LEU A 24 43.26 -13.52 6.24
CA LEU A 24 44.40 -13.23 7.09
C LEU A 24 43.94 -13.10 8.54
N PRO A 25 44.83 -13.39 9.50
CA PRO A 25 44.46 -13.21 10.91
C PRO A 25 44.06 -11.77 11.19
N PHE A 26 43.05 -11.61 12.05
CA PHE A 26 42.51 -10.31 12.44
C PHE A 26 41.86 -9.58 11.27
N LEU A 27 42.63 -9.34 10.21
CA LEU A 27 42.09 -8.55 9.09
C LEU A 27 41.05 -9.32 8.30
N GLY A 28 41.22 -10.63 8.16
CA GLY A 28 40.32 -11.42 7.34
C GLY A 28 40.59 -11.26 5.87
N ASN A 29 39.64 -10.69 5.13
CA ASN A 29 39.78 -10.48 3.69
C ASN A 29 39.59 -9.02 3.31
N ILE A 30 39.70 -8.10 4.28
CA ILE A 30 39.43 -6.69 4.01
C ILE A 30 40.48 -6.06 3.11
N LEU A 31 41.68 -6.64 3.04
CA LEU A 31 42.71 -6.09 2.16
C LEU A 31 42.35 -6.24 0.69
N SER A 32 41.43 -7.14 0.36
CA SER A 32 40.96 -7.30 -1.00
C SER A 32 39.99 -6.20 -1.42
N TYR A 33 39.63 -5.30 -0.51
CA TYR A 33 38.76 -4.16 -0.81
C TYR A 33 39.51 -2.99 -1.42
N HIS A 34 40.78 -3.17 -1.80
CA HIS A 34 41.54 -2.08 -2.40
C HIS A 34 40.98 -1.67 -3.76
N LYS A 35 40.26 -2.56 -4.42
CA LYS A 35 39.52 -2.22 -5.64
C LYS A 35 38.04 -1.95 -5.36
N GLY A 36 37.61 -2.06 -4.11
CA GLY A 36 36.24 -1.79 -3.74
C GLY A 36 35.42 -3.06 -3.58
N PHE A 37 34.18 -2.86 -3.09
CA PHE A 37 33.27 -3.99 -2.89
C PHE A 37 32.92 -4.65 -4.22
N CYS A 38 32.76 -3.85 -5.28
CA CYS A 38 32.24 -4.38 -6.54
C CYS A 38 33.24 -5.32 -7.21
N MET A 39 34.47 -4.85 -7.42
CA MET A 39 35.48 -5.67 -8.09
C MET A 39 35.79 -6.92 -7.27
N PHE A 40 35.76 -6.83 -5.94
CA PHE A 40 35.98 -7.99 -5.10
C PHE A 40 34.82 -8.98 -5.20
N ASP A 41 33.60 -8.49 -5.39
CA ASP A 41 32.45 -9.37 -5.54
C ASP A 41 32.44 -10.06 -6.89
N MET A 42 32.83 -9.34 -7.94
CA MET A 42 32.85 -9.93 -9.28
CA MET A 42 32.85 -9.93 -9.27
C MET A 42 33.93 -11.00 -9.41
N GLU A 43 35.10 -10.75 -8.84
CA GLU A 43 36.19 -11.72 -8.93
C GLU A 43 35.87 -12.98 -8.12
N CYS A 44 35.24 -12.82 -6.95
CA CYS A 44 34.86 -13.98 -6.16
C CYS A 44 33.75 -14.77 -6.84
N HIS A 45 32.82 -14.08 -7.52
CA HIS A 45 31.76 -14.78 -8.23
C HIS A 45 32.32 -15.60 -9.39
N LYS A 46 33.40 -15.14 -10.01
CA LYS A 46 33.99 -15.87 -11.13
C LYS A 46 34.94 -16.97 -10.67
N LYS A 47 35.50 -16.85 -9.47
CA LYS A 47 36.45 -17.84 -8.97
C LYS A 47 35.77 -19.01 -8.26
N TYR A 48 34.69 -18.75 -7.51
CA TYR A 48 34.09 -19.77 -6.66
C TYR A 48 32.70 -20.21 -7.10
N GLY A 49 31.98 -19.39 -7.86
CA GLY A 49 30.71 -19.82 -8.42
C GLY A 49 29.48 -19.21 -7.78
N LYS A 50 28.49 -20.06 -7.49
CA LYS A 50 27.20 -19.57 -7.02
C LYS A 50 27.23 -19.14 -5.55
N VAL A 51 28.09 -19.74 -4.74
CA VAL A 51 28.14 -19.49 -3.30
C VAL A 51 29.59 -19.46 -2.86
N TRP A 52 29.97 -18.41 -2.14
CA TRP A 52 31.30 -18.31 -1.56
C TRP A 52 31.20 -17.57 -0.23
N GLY A 53 32.27 -17.64 0.54
CA GLY A 53 32.30 -16.99 1.85
C GLY A 53 33.62 -16.29 2.08
N PHE A 54 33.56 -15.23 2.87
CA PHE A 54 34.74 -14.46 3.24
C PHE A 54 34.50 -13.84 4.61
N TYR A 55 35.48 -13.05 5.08
CA TYR A 55 35.46 -12.51 6.43
C TYR A 55 35.79 -11.04 6.39
N ASP A 56 34.91 -10.22 6.98
CA ASP A 56 35.21 -8.80 7.24
C ASP A 56 35.78 -8.71 8.65
N GLY A 57 37.06 -9.06 8.76
CA GLY A 57 37.70 -9.16 10.06
C GLY A 57 37.42 -10.50 10.70
N GLN A 58 36.60 -10.52 11.74
CA GLN A 58 36.13 -11.75 12.37
C GLN A 58 34.68 -12.05 12.05
N GLN A 59 34.08 -11.31 11.10
CA GLN A 59 32.69 -11.50 10.75
C GLN A 59 32.57 -12.35 9.49
N PRO A 60 32.13 -13.59 9.57
CA PRO A 60 31.95 -14.40 8.36
C PRO A 60 30.79 -13.88 7.52
N VAL A 61 31.04 -13.70 6.23
CA VAL A 61 30.03 -13.20 5.29
C VAL A 61 29.82 -14.25 4.22
N LEU A 62 28.58 -14.69 4.07
CA LEU A 62 28.21 -15.69 3.08
C LEU A 62 27.48 -15.00 1.93
N ALA A 63 28.08 -15.04 0.74
CA ALA A 63 27.50 -14.44 -0.45
C ALA A 63 26.76 -15.49 -1.25
N ILE A 64 25.51 -15.17 -1.61
CA ILE A 64 24.66 -16.09 -2.36
C ILE A 64 24.23 -15.40 -3.65
N THR A 65 24.08 -16.21 -4.71
CA THR A 65 23.66 -15.71 -6.01
C THR A 65 22.47 -16.46 -6.59
N ASP A 66 21.96 -17.47 -5.91
CA ASP A 66 20.83 -18.24 -6.43
C ASP A 66 19.53 -17.49 -6.20
N PRO A 67 18.71 -17.30 -7.23
CA PRO A 67 17.47 -16.52 -7.04
C PRO A 67 16.52 -17.12 -6.01
N ASP A 68 16.40 -18.44 -5.96
CA ASP A 68 15.54 -19.07 -4.97
C ASP A 68 16.05 -18.81 -3.56
N MET A 69 17.37 -18.91 -3.36
CA MET A 69 17.95 -18.66 -2.05
C MET A 69 17.90 -17.17 -1.71
N ILE A 70 17.96 -16.30 -2.71
CA ILE A 70 17.81 -14.87 -2.45
C ILE A 70 16.37 -14.55 -2.07
N LYS A 71 15.40 -15.19 -2.73
CA LYS A 71 13.99 -14.99 -2.39
C LYS A 71 13.70 -15.46 -0.97
N THR A 72 14.34 -16.55 -0.54
CA THR A 72 14.10 -17.06 0.80
C THR A 72 14.64 -16.11 1.86
N VAL A 73 15.80 -15.51 1.62
CA VAL A 73 16.39 -14.61 2.62
C VAL A 73 15.62 -13.31 2.71
N LEU A 74 15.27 -12.72 1.56
CA LEU A 74 14.68 -11.37 1.53
C LEU A 74 13.18 -11.37 1.76
N VAL A 75 12.47 -12.41 1.33
CA VAL A 75 11.00 -12.43 1.33
C VAL A 75 10.46 -13.48 2.29
N LYS A 76 10.85 -14.75 2.10
CA LYS A 76 10.20 -15.83 2.84
C LYS A 76 10.58 -15.85 4.30
N GLU A 77 11.88 -15.68 4.60
CA GLU A 77 12.39 -15.77 5.97
C GLU A 77 12.85 -14.42 6.50
N CYS A 78 12.11 -13.37 6.18
CA CYS A 78 12.47 -12.03 6.64
C CYS A 78 12.10 -11.82 8.10
N TYR A 79 10.81 -11.94 8.43
CA TYR A 79 10.36 -11.67 9.78
C TYR A 79 10.91 -12.67 10.79
N SER A 80 11.23 -13.88 10.35
CA SER A 80 11.61 -14.96 11.25
C SER A 80 13.12 -15.12 11.41
N VAL A 81 13.89 -14.91 10.34
CA VAL A 81 15.32 -15.17 10.38
C VAL A 81 16.12 -13.95 9.94
N PHE A 82 15.95 -13.55 8.68
CA PHE A 82 16.73 -12.48 8.10
C PHE A 82 15.96 -11.15 8.20
N THR A 83 15.93 -10.63 9.41
CA THR A 83 15.17 -9.42 9.73
C THR A 83 16.02 -8.16 9.74
N ASN A 84 17.21 -8.21 10.32
CA ASN A 84 18.06 -7.04 10.50
C ASN A 84 19.25 -7.08 9.55
N ARG A 85 19.78 -5.89 9.26
CA ARG A 85 21.00 -5.76 8.48
C ARG A 85 22.21 -5.84 9.40
N ARG A 86 23.40 -5.69 8.82
CA ARG A 86 24.62 -5.72 9.61
C ARG A 86 24.60 -4.58 10.62
N PRO A 87 24.96 -4.83 11.88
CA PRO A 87 24.93 -3.74 12.88
C PRO A 87 25.89 -2.62 12.50
N PHE A 88 25.37 -1.40 12.55
CA PHE A 88 26.09 -0.21 12.13
C PHE A 88 26.20 0.76 13.29
N GLY A 89 27.43 1.08 13.69
CA GLY A 89 27.67 1.99 14.78
C GLY A 89 29.09 2.49 14.80
N PRO A 90 29.38 3.47 15.69
CA PRO A 90 28.44 4.09 16.62
C PRO A 90 27.54 5.12 15.95
N VAL A 91 26.27 5.14 16.33
CA VAL A 91 25.28 6.03 15.72
C VAL A 91 24.62 6.97 16.71
N GLY A 92 24.76 6.72 18.02
CA GLY A 92 24.11 7.60 18.99
C GLY A 92 22.61 7.41 18.98
N PHE A 93 21.88 8.52 18.90
CA PHE A 93 20.42 8.45 18.84
C PHE A 93 19.90 7.96 17.50
N MET A 94 20.76 7.91 16.47
CA MET A 94 20.36 7.38 15.16
C MET A 94 20.13 5.88 15.18
N LYS A 95 20.33 5.20 16.32
CA LYS A 95 19.97 3.80 16.42
C LYS A 95 18.47 3.59 16.26
N SER A 96 17.66 4.63 16.50
CA SER A 96 16.22 4.55 16.34
C SER A 96 15.77 4.76 14.91
N ALA A 97 16.69 4.99 13.98
CA ALA A 97 16.31 5.12 12.58
C ALA A 97 15.75 3.82 12.04
N ILE A 98 14.78 3.93 11.13
CA ILE A 98 14.10 2.74 10.61
C ILE A 98 15.09 1.85 9.87
N SER A 99 16.04 2.45 9.15
CA SER A 99 17.04 1.66 8.43
C SER A 99 18.04 1.00 9.37
N ILE A 100 18.14 1.46 10.62
CA ILE A 100 19.06 0.87 11.58
C ILE A 100 18.34 0.12 12.69
N ALA A 101 17.04 0.36 12.90
CA ALA A 101 16.30 -0.33 13.96
C ALA A 101 16.24 -1.83 13.69
N GLU A 102 15.92 -2.58 14.74
CA GLU A 102 15.94 -4.03 14.69
C GLU A 102 14.69 -4.60 15.35
N ASP A 103 14.21 -5.71 14.79
CA ASP A 103 13.17 -6.56 15.41
C ASP A 103 11.90 -5.74 15.60
N GLU A 104 11.43 -5.52 16.83
CA GLU A 104 10.13 -4.91 17.03
C GLU A 104 10.15 -3.42 16.71
N GLU A 105 11.26 -2.74 17.00
CA GLU A 105 11.33 -1.31 16.75
C GLU A 105 11.24 -1.00 15.26
N TRP A 106 11.91 -1.81 14.43
CA TRP A 106 11.80 -1.63 12.99
C TRP A 106 10.39 -1.94 12.50
N LYS A 107 9.75 -2.96 13.07
CA LYS A 107 8.39 -3.30 12.68
C LYS A 107 7.42 -2.18 13.05
N ARG A 108 7.65 -1.52 14.17
CA ARG A 108 6.82 -0.38 14.56
C ARG A 108 6.98 0.78 13.59
N LEU A 109 8.24 1.14 13.29
CA LEU A 109 8.48 2.29 12.43
C LEU A 109 8.12 2.01 10.97
N ARG A 110 8.26 0.76 10.53
CA ARG A 110 7.91 0.42 9.15
C ARG A 110 6.42 0.59 8.91
N SER A 111 5.60 0.08 9.83
CA SER A 111 4.15 0.24 9.70
C SER A 111 3.71 1.69 9.89
N LEU A 112 4.49 2.47 10.64
CA LEU A 112 4.12 3.85 10.90
C LEU A 112 4.44 4.76 9.73
N LEU A 113 5.48 4.44 8.96
CA LEU A 113 5.90 5.26 7.83
C LEU A 113 5.48 4.66 6.49
N SER A 114 4.72 3.56 6.50
CA SER A 114 4.24 3.00 5.24
C SER A 114 3.22 3.90 4.55
N PRO A 115 2.22 4.48 5.23
CA PRO A 115 1.26 5.34 4.51
C PRO A 115 1.87 6.63 3.98
N THR A 116 3.17 6.84 4.13
CA THR A 116 3.79 8.06 3.60
C THR A 116 3.82 8.06 2.08
N PHE A 117 4.02 6.89 1.47
CA PHE A 117 4.18 6.82 0.02
C PHE A 117 3.11 5.96 -0.64
N THR A 118 1.84 6.20 -0.32
CA THR A 118 0.77 5.54 -1.03
C THR A 118 0.53 6.24 -2.38
N SER A 119 -0.24 5.57 -3.25
CA SER A 119 -0.53 6.15 -4.56
C SER A 119 -1.32 7.44 -4.44
N GLY A 120 -2.10 7.59 -3.37
CA GLY A 120 -2.83 8.83 -3.14
C GLY A 120 -1.92 9.94 -2.65
N LYS A 121 -1.00 9.61 -1.73
CA LYS A 121 -0.06 10.61 -1.24
C LYS A 121 0.94 11.00 -2.32
N LEU A 122 1.35 10.04 -3.15
CA LEU A 122 2.30 10.35 -4.23
C LEU A 122 1.65 11.23 -5.29
N LYS A 123 0.35 11.02 -5.56
CA LYS A 123 -0.34 11.84 -6.54
C LYS A 123 -0.51 13.28 -6.04
N GLU A 124 -0.56 13.47 -4.73
CA GLU A 124 -0.65 14.82 -4.17
C GLU A 124 0.67 15.58 -4.27
N MET A 125 1.79 14.88 -4.42
CA MET A 125 3.09 15.54 -4.47
C MET A 125 3.44 16.07 -5.86
N VAL A 126 2.72 15.65 -6.90
CA VAL A 126 3.04 16.09 -8.25
C VAL A 126 2.92 17.60 -8.41
N PRO A 127 1.85 18.26 -7.95
CA PRO A 127 1.81 19.74 -8.06
C PRO A 127 2.91 20.43 -7.27
N ILE A 128 3.30 19.89 -6.11
CA ILE A 128 4.38 20.49 -5.34
C ILE A 128 5.71 20.32 -6.05
N ILE A 129 5.96 19.12 -6.59
CA ILE A 129 7.18 18.88 -7.36
C ILE A 129 7.17 19.71 -8.64
N ALA A 130 5.99 19.99 -9.20
CA ALA A 130 5.90 20.77 -10.42
C ALA A 130 6.45 22.18 -10.26
N GLN A 131 6.48 22.71 -9.03
CA GLN A 131 7.04 24.04 -8.83
C GLN A 131 8.55 24.04 -9.01
N TYR A 132 9.25 23.13 -8.33
CA TYR A 132 10.70 23.09 -8.40
C TYR A 132 11.21 22.56 -9.74
N GLY A 133 10.34 21.94 -10.55
CA GLY A 133 10.76 21.54 -11.89
C GLY A 133 11.01 22.72 -12.79
N ASP A 134 10.22 23.79 -12.63
CA ASP A 134 10.44 25.01 -13.40
C ASP A 134 11.69 25.75 -12.92
N VAL A 135 11.93 25.75 -11.61
CA VAL A 135 13.15 26.35 -11.08
C VAL A 135 14.37 25.57 -11.55
N LEU A 136 14.24 24.25 -11.72
CA LEU A 136 15.33 23.44 -12.24
C LEU A 136 15.67 23.82 -13.67
N VAL A 137 14.66 24.24 -14.45
CA VAL A 137 14.90 24.62 -15.83
C VAL A 137 15.53 26.02 -15.91
N ARG A 138 15.04 26.95 -15.09
CA ARG A 138 15.57 28.31 -15.12
C ARG A 138 17.03 28.34 -14.68
N ASN A 139 17.40 27.50 -13.71
CA ASN A 139 18.80 27.41 -13.31
C ASN A 139 19.64 26.74 -14.39
N LEU A 140 19.06 25.79 -15.13
CA LEU A 140 19.79 25.17 -16.23
C LEU A 140 19.87 26.10 -17.44
N ARG A 141 18.85 26.95 -17.64
CA ARG A 141 18.86 27.85 -18.78
C ARG A 141 19.94 28.92 -18.64
N ARG A 142 20.25 29.33 -17.41
CA ARG A 142 21.35 30.27 -17.20
C ARG A 142 22.69 29.65 -17.59
N GLU A 143 22.95 28.42 -17.13
CA GLU A 143 24.18 27.72 -17.49
C GLU A 143 24.15 27.19 -18.92
N ALA A 144 23.03 27.32 -19.62
CA ALA A 144 22.92 26.90 -21.02
C ALA A 144 23.06 28.06 -21.99
N GLU A 145 22.55 29.24 -21.63
CA GLU A 145 22.68 30.41 -22.49
C GLU A 145 24.13 30.85 -22.66
N THR A 146 25.05 30.30 -21.87
CA THR A 146 26.47 30.61 -21.99
C THR A 146 27.26 29.31 -21.98
N GLY A 147 28.01 29.07 -23.04
CA GLY A 147 28.84 27.88 -23.14
C GLY A 147 29.72 27.67 -21.92
N LYS A 148 29.36 26.68 -21.11
CA LYS A 148 30.07 26.37 -19.88
C LYS A 148 29.65 25.00 -19.34
N PRO A 149 30.57 24.19 -18.83
CA PRO A 149 30.16 22.91 -18.22
C PRO A 149 29.24 23.13 -17.03
N VAL A 150 28.53 22.06 -16.65
CA VAL A 150 27.53 22.10 -15.61
C VAL A 150 27.67 20.84 -14.76
N THR A 151 28.17 21.00 -13.53
CA THR A 151 28.21 19.90 -12.59
C THR A 151 26.80 19.50 -12.19
N LEU A 152 26.40 18.27 -12.52
CA LEU A 152 24.99 17.90 -12.44
C LEU A 152 24.54 17.63 -11.00
N LYS A 153 25.40 17.04 -10.18
CA LYS A 153 24.99 16.70 -8.82
C LYS A 153 24.72 17.93 -7.96
N ASP A 154 25.32 19.07 -8.31
CA ASP A 154 25.03 20.30 -7.57
C ASP A 154 23.64 20.82 -7.89
N VAL A 155 23.27 20.83 -9.18
CA VAL A 155 21.95 21.33 -9.57
C VAL A 155 20.88 20.27 -9.31
N PHE A 156 21.20 18.99 -9.46
CA PHE A 156 20.25 17.95 -9.11
C PHE A 156 20.08 17.83 -7.61
N GLY A 157 21.13 18.11 -6.84
CA GLY A 157 21.03 18.04 -5.39
C GLY A 157 20.12 19.11 -4.82
N ALA A 158 20.21 20.33 -5.35
CA ALA A 158 19.32 21.39 -4.91
C ALA A 158 17.87 21.10 -5.25
N TYR A 159 17.64 20.39 -6.36
CA TYR A 159 16.28 19.99 -6.70
C TYR A 159 15.77 18.90 -5.76
N SER A 160 16.62 17.94 -5.42
CA SER A 160 16.21 16.84 -4.56
C SER A 160 15.94 17.30 -3.14
N MET A 161 16.69 18.29 -2.66
CA MET A 161 16.49 18.78 -1.29
C MET A 161 15.17 19.50 -1.16
N ASP A 162 14.77 20.28 -2.17
CA ASP A 162 13.50 21.00 -2.10
C ASP A 162 12.32 20.05 -2.17
N VAL A 163 12.42 18.99 -2.98
CA VAL A 163 11.31 18.04 -3.11
C VAL A 163 11.10 17.29 -1.81
N ILE A 164 12.19 16.93 -1.12
CA ILE A 164 12.08 16.15 0.11
C ILE A 164 11.77 17.00 1.34
N THR A 165 12.06 18.30 1.30
CA THR A 165 11.73 19.17 2.42
C THR A 165 10.30 19.68 2.37
N SER A 166 9.67 19.68 1.20
CA SER A 166 8.31 20.15 1.02
C SER A 166 7.28 19.03 1.04
N THR A 167 7.61 17.87 0.46
CA THR A 167 6.68 16.75 0.46
C THR A 167 6.62 16.05 1.80
N SER A 168 7.67 16.15 2.61
CA SER A 168 7.71 15.49 3.92
C SER A 168 7.41 16.44 5.07
N PHE A 169 7.65 17.74 4.90
CA PHE A 169 7.44 18.71 5.97
C PHE A 169 6.62 19.92 5.56
N GLY A 170 6.52 20.25 4.27
CA GLY A 170 5.75 21.38 3.84
C GLY A 170 6.45 22.71 3.90
N VAL A 171 7.77 22.72 4.00
CA VAL A 171 8.54 23.96 4.14
C VAL A 171 9.35 24.17 2.87
N ASN A 172 9.40 25.42 2.41
CA ASN A 172 10.23 25.82 1.28
C ASN A 172 11.48 26.50 1.84
N ILE A 173 12.63 25.87 1.66
CA ILE A 173 13.87 26.34 2.26
C ILE A 173 14.89 26.83 1.23
N ASP A 174 14.63 26.67 -0.07
CA ASP A 174 15.59 27.01 -1.11
C ASP A 174 14.87 27.88 -2.15
N SER A 175 14.53 29.10 -1.76
CA SER A 175 13.80 30.03 -2.61
C SER A 175 14.61 30.41 -3.84
N LEU A 176 14.49 29.62 -4.91
CA LEU A 176 15.16 29.82 -6.19
C LEU A 176 16.68 29.84 -6.08
N ASN A 177 17.24 29.36 -4.97
CA ASN A 177 18.68 29.33 -4.71
C ASN A 177 19.27 30.73 -4.64
N ASN A 178 19.96 31.11 -3.55
CA ASN A 178 20.36 30.30 -2.37
C ASN A 178 21.14 29.02 -2.73
N PRO A 179 22.35 29.19 -3.30
CA PRO A 179 23.14 28.02 -3.69
C PRO A 179 23.93 27.44 -2.53
N GLN A 180 24.28 28.28 -1.56
CA GLN A 180 24.97 27.84 -0.35
C GLN A 180 23.98 27.47 0.74
N ASP A 181 23.00 26.66 0.39
CA ASP A 181 21.95 26.28 1.32
C ASP A 181 22.54 25.43 2.45
N PRO A 182 22.22 25.74 3.71
CA PRO A 182 22.82 24.99 4.82
C PRO A 182 22.36 23.54 4.88
N PHE A 183 21.15 23.22 4.40
CA PHE A 183 20.70 21.84 4.39
C PHE A 183 21.56 20.99 3.48
N VAL A 184 21.83 21.48 2.26
CA VAL A 184 22.64 20.72 1.32
C VAL A 184 24.09 20.64 1.78
N GLU A 185 24.59 21.72 2.39
CA GLU A 185 25.99 21.75 2.80
C GLU A 185 26.27 20.75 3.92
N ASN A 186 25.34 20.63 4.87
CA ASN A 186 25.55 19.70 5.97
C ASN A 186 25.18 18.27 5.60
N THR A 187 24.16 18.09 4.75
CA THR A 187 23.73 16.74 4.40
C THR A 187 24.76 16.02 3.53
N LYS A 188 25.49 16.76 2.68
CA LYS A 188 26.48 16.11 1.82
C LYS A 188 27.64 15.55 2.64
N LYS A 189 27.92 16.14 3.80
CA LYS A 189 28.95 15.64 4.71
C LYS A 189 28.36 14.92 5.91
N LEU A 190 27.15 14.37 5.76
CA LEU A 190 26.53 13.63 6.85
C LEU A 190 27.20 12.29 7.07
N LEU A 191 27.62 11.63 5.98
CA LEU A 191 28.28 10.33 6.08
C LEU A 191 29.07 10.09 4.81
N ARG A 192 30.38 9.95 4.94
CA ARG A 192 31.27 9.64 3.80
C ARG A 192 32.15 8.48 4.22
N PHE A 193 31.70 7.26 3.93
CA PHE A 193 32.43 6.05 4.26
C PHE A 193 33.68 5.93 3.39
N ASP A 194 34.79 6.50 3.85
CA ASP A 194 36.07 6.41 3.15
C ASP A 194 36.86 5.28 3.80
N PHE A 195 37.06 4.18 3.07
CA PHE A 195 37.81 3.06 3.60
C PHE A 195 39.27 3.42 3.88
N LEU A 196 39.79 4.48 3.25
CA LEU A 196 41.12 4.95 3.57
C LEU A 196 41.18 5.52 4.99
N ASP A 197 40.09 6.14 5.44
CA ASP A 197 40.00 6.63 6.81
C ASP A 197 40.14 5.45 7.76
N PRO A 198 41.11 5.46 8.68
CA PRO A 198 41.23 4.34 9.63
C PRO A 198 39.98 4.11 10.46
N PHE A 199 39.20 5.17 10.74
CA PHE A 199 38.04 5.03 11.61
C PHE A 199 37.06 3.99 11.09
N PHE A 200 36.55 4.19 9.87
CA PHE A 200 35.63 3.23 9.28
C PHE A 200 36.29 1.89 9.04
N LEU A 201 37.62 1.82 9.04
CA LEU A 201 38.34 0.57 8.87
C LEU A 201 38.76 -0.07 10.18
N SER A 202 39.01 0.73 11.21
CA SER A 202 39.50 0.18 12.48
C SER A 202 38.35 -0.38 13.33
N ILE A 203 37.19 0.28 13.32
CA ILE A 203 36.05 -0.25 14.05
C ILE A 203 35.60 -1.58 13.48
N THR A 204 35.96 -1.88 12.23
CA THR A 204 35.75 -3.20 11.67
C THR A 204 36.79 -4.20 12.19
N VAL A 205 38.02 -3.75 12.41
CA VAL A 205 39.05 -4.62 12.94
C VAL A 205 38.89 -4.80 14.45
N PHE A 206 38.50 -3.73 15.15
CA PHE A 206 38.21 -3.80 16.58
C PHE A 206 36.73 -3.47 16.79
N PRO A 207 35.84 -4.44 16.61
CA PRO A 207 34.42 -4.18 16.86
C PRO A 207 34.09 -4.02 18.33
N PHE A 208 34.99 -4.44 19.23
CA PHE A 208 34.76 -4.25 20.66
C PHE A 208 34.87 -2.79 21.09
N LEU A 209 35.33 -1.90 20.22
CA LEU A 209 35.40 -0.49 20.52
C LEU A 209 34.10 0.25 20.25
N ILE A 210 33.14 -0.37 19.57
CA ILE A 210 31.86 0.29 19.32
C ILE A 210 31.11 0.57 20.62
N PRO A 211 30.99 -0.37 21.56
CA PRO A 211 30.45 0.02 22.88
C PRO A 211 31.32 1.04 23.59
N ILE A 212 32.60 1.12 23.27
CA ILE A 212 33.46 2.16 23.85
C ILE A 212 33.11 3.51 23.22
N LEU A 213 33.12 3.59 21.89
CA LEU A 213 32.85 4.86 21.23
C LEU A 213 31.46 5.38 21.53
N GLU A 214 30.51 4.49 21.80
CA GLU A 214 29.15 4.94 22.13
C GLU A 214 29.12 5.67 23.48
N VAL A 215 29.81 5.13 24.48
CA VAL A 215 29.85 5.79 25.78
C VAL A 215 30.75 7.02 25.74
N LEU A 216 31.63 7.12 24.75
CA LEU A 216 32.40 8.35 24.53
C LEU A 216 31.62 9.40 23.76
N ASN A 217 30.33 9.14 23.48
CA ASN A 217 29.48 10.02 22.67
C ASN A 217 30.04 10.22 21.26
N ILE A 218 30.91 9.32 20.80
CA ILE A 218 31.47 9.40 19.47
C ILE A 218 30.46 8.80 18.48
N CYS A 219 30.29 9.45 17.34
CA CYS A 219 29.31 9.04 16.35
C CYS A 219 29.91 9.11 14.96
N VAL A 220 29.48 8.19 14.09
CA VAL A 220 29.95 8.21 12.71
C VAL A 220 29.42 9.42 11.95
N PHE A 221 28.35 10.04 12.45
CA PHE A 221 27.84 11.28 11.87
C PHE A 221 28.38 12.46 12.65
N PRO A 222 28.91 13.49 11.98
CA PRO A 222 29.50 14.62 12.69
C PRO A 222 28.48 15.35 13.54
N ARG A 223 28.96 15.94 14.64
CA ARG A 223 28.08 16.60 15.59
C ARG A 223 27.42 17.83 14.98
N GLU A 224 28.17 18.65 14.24
CA GLU A 224 27.62 19.87 13.69
C GLU A 224 26.55 19.60 12.65
N VAL A 225 26.63 18.46 11.97
CA VAL A 225 25.60 18.10 10.99
C VAL A 225 24.36 17.56 11.69
N THR A 226 24.55 16.70 12.69
CA THR A 226 23.41 16.19 13.45
C THR A 226 22.72 17.30 14.21
N ASN A 227 23.48 18.23 14.79
CA ASN A 227 22.88 19.34 15.52
C ASN A 227 22.02 20.20 14.60
N PHE A 228 22.57 20.60 13.45
CA PHE A 228 21.82 21.44 12.53
C PHE A 228 20.55 20.75 12.04
N LEU A 229 20.64 19.46 11.72
CA LEU A 229 19.45 18.72 11.33
C LEU A 229 18.51 18.52 12.52
N ARG A 230 19.05 18.39 13.73
CA ARG A 230 18.20 18.27 14.90
C ARG A 230 17.52 19.58 15.24
N LYS A 231 18.19 20.71 15.01
CA LYS A 231 17.57 22.00 15.23
C LYS A 231 16.46 22.26 14.21
N SER A 232 16.68 21.90 12.95
CA SER A 232 15.74 22.23 11.90
C SER A 232 14.42 21.48 12.08
N VAL A 233 14.48 20.21 12.45
CA VAL A 233 13.25 19.43 12.64
C VAL A 233 12.42 20.00 13.77
N LYS A 234 13.06 20.41 14.87
CA LYS A 234 12.35 21.09 15.95
C LYS A 234 11.81 22.43 15.49
N ARG A 235 12.51 23.09 14.56
CA ARG A 235 12.01 24.34 14.00
C ARG A 235 10.85 24.09 13.04
N MET A 236 10.81 22.92 12.41
CA MET A 236 9.76 22.56 11.47
C MET A 236 8.56 21.89 12.14
N LYS A 237 8.65 21.59 13.44
CA LYS A 237 7.63 20.80 14.11
C LYS A 237 6.55 21.66 14.77
N GLU A 238 6.55 22.97 14.55
CA GLU A 238 5.54 23.83 15.14
C GLU A 238 4.15 23.45 14.64
N SER A 239 3.89 23.67 13.35
CA SER A 239 2.65 23.26 12.68
C SER A 239 1.43 23.83 13.39
N ARG A 240 1.31 25.15 13.30
CA ARG A 240 0.16 25.88 13.84
C ARG A 240 0.00 27.24 13.16
N HIS A 247 -0.91 21.89 7.64
CA HIS A 247 -0.74 21.35 6.30
C HIS A 247 -1.42 20.00 6.16
N ARG A 248 -1.39 19.44 4.95
CA ARG A 248 -2.04 18.16 4.69
C ARG A 248 -1.27 17.03 5.36
N VAL A 249 -1.75 15.81 5.13
CA VAL A 249 -1.16 14.61 5.74
C VAL A 249 0.14 14.30 5.00
N ASP A 250 1.27 14.63 5.61
CA ASP A 250 2.57 14.35 5.00
C ASP A 250 3.38 13.41 5.88
N PHE A 251 4.70 13.40 5.68
CA PHE A 251 5.57 12.55 6.49
C PHE A 251 5.66 13.05 7.92
N LEU A 252 5.74 14.37 8.10
CA LEU A 252 5.81 14.95 9.43
C LEU A 252 4.51 14.78 10.19
N GLN A 253 3.36 14.84 9.50
CA GLN A 253 2.08 14.69 10.17
C GLN A 253 1.86 13.26 10.64
N LEU A 254 2.28 12.28 9.83
CA LEU A 254 2.11 10.88 10.23
C LEU A 254 2.90 10.54 11.47
N MET A 255 3.93 11.33 11.80
CA MET A 255 4.68 11.12 13.03
C MET A 255 4.16 11.95 14.19
N ILE A 256 3.47 13.06 13.91
CA ILE A 256 2.95 13.91 14.97
C ILE A 256 1.57 13.44 15.44
N ASP A 257 0.70 13.04 14.50
CA ASP A 257 -0.62 12.56 14.88
CA ASP A 257 -0.62 12.57 14.90
C ASP A 257 -0.53 11.30 15.72
N SER A 258 0.44 10.42 15.42
CA SER A 258 0.63 9.24 16.23
C SER A 258 1.39 9.55 17.52
N GLN A 259 2.24 10.57 17.50
CA GLN A 259 2.88 11.02 18.74
C GLN A 259 1.86 11.60 19.71
N ASN A 260 0.92 12.39 19.19
CA ASN A 260 -0.21 12.87 19.98
C ASN A 260 -1.23 11.78 20.26
N SER A 261 -1.05 10.59 19.69
CA SER A 261 -1.96 9.46 19.88
C SER A 261 -3.39 9.82 19.52
N HIS A 267 3.59 -0.66 21.77
CA HIS A 267 2.76 0.36 22.41
C HIS A 267 3.29 1.76 22.06
N LYS A 268 2.91 2.74 22.88
CA LYS A 268 3.32 4.11 22.67
C LYS A 268 4.72 4.35 23.25
N ALA A 269 5.47 5.29 22.65
CA ALA A 269 5.09 6.04 21.46
C ALA A 269 6.33 6.38 20.63
N LEU A 270 6.22 7.45 19.86
CA LEU A 270 7.33 8.00 19.10
C LEU A 270 7.95 9.15 19.89
N SER A 271 9.26 9.09 20.10
CA SER A 271 9.96 10.09 20.89
C SER A 271 10.35 11.29 20.04
N ASP A 272 10.74 12.37 20.71
CA ASP A 272 11.23 13.55 20.00
C ASP A 272 12.55 13.28 19.30
N LEU A 273 13.38 12.41 19.87
CA LEU A 273 14.66 12.08 19.26
C LEU A 273 14.51 11.08 18.13
N GLU A 274 13.53 10.17 18.22
CA GLU A 274 13.26 9.26 17.12
C GLU A 274 12.63 9.97 15.95
N LEU A 275 11.80 10.99 16.21
CA LEU A 275 11.19 11.74 15.13
C LEU A 275 12.24 12.48 14.31
N VAL A 276 13.28 12.98 14.96
CA VAL A 276 14.37 13.61 14.23
C VAL A 276 15.20 12.55 13.50
N ALA A 277 15.32 11.35 14.08
CA ALA A 277 16.11 10.30 13.45
C ALA A 277 15.51 9.86 12.13
N GLN A 278 14.18 9.75 12.07
CA GLN A 278 13.52 9.37 10.82
C GLN A 278 13.61 10.49 9.79
N SER A 279 13.58 11.74 10.22
CA SER A 279 13.66 12.86 9.28
C SER A 279 15.03 12.92 8.62
N ILE A 280 16.09 12.69 9.39
CA ILE A 280 17.44 12.72 8.82
C ILE A 280 17.60 11.63 7.77
N ILE A 281 16.98 10.47 8.00
CA ILE A 281 17.04 9.39 7.01
C ILE A 281 16.32 9.81 5.73
N PHE A 282 15.13 10.40 5.88
CA PHE A 282 14.38 10.83 4.70
C PHE A 282 15.03 12.03 4.02
N ILE A 283 15.66 12.93 4.78
CA ILE A 283 16.35 14.06 4.18
C ILE A 283 17.57 13.58 3.39
N PHE A 284 18.34 12.67 3.97
CA PHE A 284 19.54 12.18 3.29
C PHE A 284 19.18 11.35 2.07
N ALA A 285 18.22 10.42 2.22
CA ALA A 285 17.86 9.55 1.11
C ALA A 285 17.22 10.33 -0.03
N GLY A 286 16.43 11.35 0.29
CA GLY A 286 15.81 12.14 -0.75
C GLY A 286 16.79 12.99 -1.53
N TYR A 287 17.87 13.43 -0.88
CA TYR A 287 18.87 14.29 -1.51
C TYR A 287 19.95 13.48 -2.22
N GLU A 288 20.57 12.53 -1.51
CA GLU A 288 21.74 11.86 -2.05
C GLU A 288 21.36 10.85 -3.14
N THR A 289 20.40 9.98 -2.86
CA THR A 289 20.07 8.91 -3.80
C THR A 289 19.47 9.47 -5.10
N THR A 290 18.60 10.46 -4.98
CA THR A 290 17.95 11.01 -6.17
C THR A 290 18.94 11.73 -7.07
N SER A 291 19.75 12.61 -6.48
CA SER A 291 20.70 13.39 -7.27
C SER A 291 21.81 12.52 -7.85
N SER A 292 22.19 11.44 -7.16
CA SER A 292 23.25 10.57 -7.66
C SER A 292 22.78 9.78 -8.88
N VAL A 293 21.61 9.15 -8.79
CA VAL A 293 21.12 8.36 -9.91
C VAL A 293 20.81 9.25 -11.10
N LEU A 294 20.26 10.45 -10.85
CA LEU A 294 20.00 11.38 -11.95
C LEU A 294 21.28 11.75 -12.68
N SER A 295 22.40 11.84 -11.96
CA SER A 295 23.67 12.15 -12.61
C SER A 295 24.13 10.99 -13.50
N PHE A 296 23.95 9.76 -13.04
CA PHE A 296 24.30 8.61 -13.87
C PHE A 296 23.38 8.49 -15.08
N ILE A 297 22.12 8.86 -14.93
CA ILE A 297 21.18 8.80 -16.05
C ILE A 297 21.59 9.78 -17.15
N MET A 298 21.90 11.01 -16.77
CA MET A 298 22.27 12.02 -17.77
C MET A 298 23.60 11.70 -18.42
N TYR A 299 24.52 11.06 -17.69
CA TYR A 299 25.78 10.64 -18.30
C TYR A 299 25.54 9.58 -19.38
N GLU A 300 24.61 8.66 -19.14
CA GLU A 300 24.29 7.66 -20.14
C GLU A 300 23.57 8.24 -21.34
N LEU A 301 22.75 9.28 -21.11
CA LEU A 301 22.05 9.91 -22.22
C LEU A 301 22.99 10.73 -23.09
N ALA A 302 23.98 11.38 -22.48
CA ALA A 302 24.94 12.17 -23.24
C ALA A 302 25.87 11.28 -24.04
N THR A 303 26.33 10.17 -23.44
CA THR A 303 27.18 9.22 -24.14
C THR A 303 26.41 8.33 -25.11
N HIS A 304 25.08 8.43 -25.12
CA HIS A 304 24.24 7.69 -26.07
C HIS A 304 23.17 8.63 -26.59
N PRO A 305 23.51 9.47 -27.57
CA PRO A 305 22.53 10.45 -28.05
C PRO A 305 21.30 9.84 -28.69
N ASP A 306 21.42 8.62 -29.25
CA ASP A 306 20.25 7.97 -29.84
C ASP A 306 19.22 7.61 -28.78
N VAL A 307 19.67 7.19 -27.59
CA VAL A 307 18.75 6.92 -26.50
C VAL A 307 18.12 8.21 -25.99
N GLN A 308 18.90 9.29 -25.96
CA GLN A 308 18.38 10.57 -25.49
C GLN A 308 17.34 11.12 -26.46
N GLN A 309 17.59 11.00 -27.76
CA GLN A 309 16.61 11.46 -28.75
C GLN A 309 15.33 10.65 -28.69
N LYS A 310 15.46 9.32 -28.60
CA LYS A 310 14.29 8.46 -28.54
C LYS A 310 13.48 8.73 -27.27
N LEU A 311 14.15 9.07 -26.17
CA LEU A 311 13.43 9.42 -24.95
C LEU A 311 12.76 10.78 -25.08
N GLN A 312 13.42 11.73 -25.75
CA GLN A 312 12.80 13.03 -25.97
C GLN A 312 11.59 12.94 -26.89
N GLU A 313 11.62 12.00 -27.85
CA GLU A 313 10.48 11.83 -28.75
C GLU A 313 9.27 11.24 -28.02
N GLU A 314 9.51 10.36 -27.03
CA GLU A 314 8.41 9.81 -26.26
C GLU A 314 7.80 10.85 -25.35
N ILE A 315 8.63 11.70 -24.73
CA ILE A 315 8.12 12.74 -23.85
C ILE A 315 7.30 13.76 -24.64
N ASP A 316 7.80 14.15 -25.83
CA ASP A 316 7.05 15.08 -26.67
C ASP A 316 5.77 14.47 -27.22
N ALA A 317 5.71 13.14 -27.33
CA ALA A 317 4.48 12.50 -27.80
C ALA A 317 3.44 12.41 -26.71
N VAL A 318 3.86 12.08 -25.47
CA VAL A 318 2.92 12.00 -24.36
C VAL A 318 2.54 13.39 -23.87
N LEU A 319 3.50 14.32 -23.88
CA LEU A 319 3.28 15.70 -23.40
C LEU A 319 3.66 16.66 -24.52
N PRO A 320 2.77 16.88 -25.48
CA PRO A 320 3.07 17.86 -26.54
C PRO A 320 2.99 19.28 -26.03
N ASN A 321 3.67 20.18 -26.74
CA ASN A 321 3.74 21.60 -26.40
C ASN A 321 4.32 21.80 -25.00
N LYS A 322 5.23 20.91 -24.59
CA LYS A 322 5.81 20.94 -23.25
C LYS A 322 4.72 20.93 -22.18
N ALA A 323 3.80 19.99 -22.32
CA ALA A 323 2.68 19.89 -21.38
C ALA A 323 3.21 19.51 -20.00
N PRO A 324 2.59 20.02 -18.94
CA PRO A 324 3.05 19.68 -17.57
C PRO A 324 2.85 18.21 -17.29
N PRO A 325 3.87 17.53 -16.74
CA PRO A 325 3.73 16.11 -16.44
C PRO A 325 2.81 15.88 -15.27
N THR A 326 1.99 14.84 -15.36
CA THR A 326 1.06 14.45 -14.32
C THR A 326 1.40 13.04 -13.83
N TYR A 327 0.69 12.62 -12.78
CA TYR A 327 0.95 11.30 -12.19
C TYR A 327 0.67 10.19 -13.18
N ASP A 328 -0.37 10.35 -14.02
CA ASP A 328 -0.72 9.30 -14.98
C ASP A 328 0.19 9.33 -16.20
N THR A 329 0.63 10.50 -16.64
CA THR A 329 1.52 10.59 -17.80
C THR A 329 2.91 10.06 -17.51
N VAL A 330 3.34 10.07 -16.25
CA VAL A 330 4.65 9.51 -15.91
C VAL A 330 4.64 8.00 -16.04
N LEU A 331 3.59 7.35 -15.54
CA LEU A 331 3.48 5.90 -15.64
C LEU A 331 3.24 5.44 -17.07
N GLN A 332 2.81 6.34 -17.96
CA GLN A 332 2.54 5.96 -19.34
C GLN A 332 3.81 5.86 -20.17
N MET A 333 4.84 6.64 -19.83
CA MET A 333 6.09 6.64 -20.58
C MET A 333 6.83 5.33 -20.34
N GLU A 334 6.86 4.47 -21.36
CA GLU A 334 7.51 3.17 -21.21
C GLU A 334 9.02 3.26 -21.39
N TYR A 335 9.48 4.03 -22.37
CA TYR A 335 10.92 4.13 -22.61
C TYR A 335 11.62 4.87 -21.48
N LEU A 336 10.93 5.79 -20.81
CA LEU A 336 11.53 6.47 -19.67
C LEU A 336 11.79 5.50 -18.53
N ASP A 337 10.88 4.56 -18.30
CA ASP A 337 11.09 3.55 -17.27
C ASP A 337 12.22 2.60 -17.64
N MET A 338 12.40 2.35 -18.94
CA MET A 338 13.50 1.48 -19.39
C MET A 338 14.85 2.15 -19.17
N VAL A 339 14.93 3.47 -19.40
CA VAL A 339 16.19 4.18 -19.21
C VAL A 339 16.55 4.24 -17.73
N VAL A 340 15.56 4.46 -16.86
CA VAL A 340 15.83 4.52 -15.43
C VAL A 340 16.25 3.15 -14.91
N ASN A 341 15.65 2.07 -15.44
CA ASN A 341 15.98 0.74 -14.96
C ASN A 341 17.37 0.30 -15.42
N GLU A 342 17.72 0.60 -16.66
CA GLU A 342 19.03 0.20 -17.18
C GLU A 342 20.17 0.95 -16.48
N THR A 343 19.94 2.21 -16.12
CA THR A 343 20.96 2.95 -15.37
C THR A 343 21.12 2.37 -13.97
N LEU A 344 20.01 2.00 -13.33
CA LEU A 344 20.10 1.37 -12.01
C LEU A 344 20.76 0.01 -12.07
N ARG A 345 20.68 -0.67 -13.22
CA ARG A 345 21.37 -1.95 -13.37
C ARG A 345 22.88 -1.76 -13.40
N LEU A 346 23.35 -0.79 -14.18
CA LEU A 346 24.79 -0.53 -14.27
C LEU A 346 25.32 0.17 -13.03
N PHE A 347 24.49 0.95 -12.34
CA PHE A 347 24.90 1.70 -11.16
C PHE A 347 23.90 1.47 -10.03
N PRO A 348 23.94 0.29 -9.39
CA PRO A 348 23.10 0.06 -8.21
C PRO A 348 23.72 0.70 -6.97
N ILE A 349 23.14 1.81 -6.53
CA ILE A 349 23.72 2.58 -5.44
C ILE A 349 23.78 1.79 -4.15
N ALA A 350 22.96 0.74 -4.02
CA ALA A 350 23.04 -0.13 -2.85
C ALA A 350 24.27 -1.02 -2.91
N MET A 351 24.68 -1.43 -4.12
CA MET A 351 25.84 -2.28 -4.33
C MET A 351 25.66 -3.67 -3.74
N ARG A 352 25.42 -3.75 -2.43
CA ARG A 352 25.21 -5.02 -1.75
C ARG A 352 23.91 -5.01 -0.97
N LEU A 353 23.34 -6.20 -0.78
CA LEU A 353 22.18 -6.41 0.07
C LEU A 353 22.56 -7.42 1.15
N GLU A 354 22.39 -7.03 2.41
CA GLU A 354 22.86 -7.83 3.53
C GLU A 354 21.75 -8.09 4.53
N ARG A 355 21.77 -9.28 5.12
CA ARG A 355 20.87 -9.66 6.20
C ARG A 355 21.66 -10.47 7.21
N VAL A 356 21.29 -10.32 8.48
CA VAL A 356 21.96 -11.02 9.57
C VAL A 356 21.14 -12.25 9.93
N CYS A 357 21.76 -13.42 9.85
CA CYS A 357 21.11 -14.68 10.20
C CYS A 357 20.99 -14.76 11.72
N LYS A 358 19.77 -14.61 12.24
CA LYS A 358 19.58 -14.53 13.68
C LYS A 358 19.57 -15.90 14.37
N LYS A 359 19.36 -16.99 13.62
CA LYS A 359 19.33 -18.31 14.21
C LYS A 359 19.66 -19.34 13.14
N ASP A 360 20.01 -20.55 13.61
CA ASP A 360 20.41 -21.62 12.71
C ASP A 360 19.27 -21.99 11.76
N VAL A 361 19.58 -22.04 10.47
CA VAL A 361 18.61 -22.38 9.43
C VAL A 361 19.28 -23.26 8.38
N GLU A 362 18.45 -23.83 7.51
CA GLU A 362 18.90 -24.65 6.38
C GLU A 362 18.01 -24.30 5.19
N ILE A 363 18.37 -23.23 4.49
CA ILE A 363 17.58 -22.73 3.38
C ILE A 363 18.10 -23.33 2.08
N ASN A 364 17.18 -23.83 1.25
CA ASN A 364 17.50 -24.40 -0.06
C ASN A 364 18.57 -25.47 0.05
N GLY A 365 18.50 -26.27 1.12
CA GLY A 365 19.44 -27.35 1.32
C GLY A 365 20.84 -26.91 1.68
N MET A 366 20.99 -25.76 2.33
CA MET A 366 22.29 -25.25 2.74
C MET A 366 22.19 -24.71 4.16
N PHE A 367 22.99 -25.24 5.06
CA PHE A 367 22.97 -24.81 6.45
C PHE A 367 23.71 -23.48 6.60
N ILE A 368 23.14 -22.60 7.41
CA ILE A 368 23.73 -21.31 7.72
C ILE A 368 23.67 -21.11 9.23
N PRO A 369 24.80 -20.93 9.91
CA PRO A 369 24.77 -20.80 11.37
C PRO A 369 24.40 -19.40 11.81
N LYS A 370 24.05 -19.30 13.10
CA LYS A 370 23.64 -18.03 13.68
C LYS A 370 24.80 -17.04 13.72
N GLY A 371 24.54 -15.81 13.31
CA GLY A 371 25.51 -14.75 13.34
C GLY A 371 26.13 -14.42 12.00
N VAL A 372 26.03 -15.32 11.02
CA VAL A 372 26.62 -15.09 9.72
C VAL A 372 25.79 -14.06 8.96
N VAL A 373 26.48 -13.11 8.32
CA VAL A 373 25.82 -12.08 7.53
C VAL A 373 25.69 -12.59 6.10
N VAL A 374 24.46 -12.84 5.66
CA VAL A 374 24.18 -13.26 4.30
C VAL A 374 24.17 -12.03 3.40
N MET A 375 24.95 -12.07 2.31
CA MET A 375 25.12 -10.93 1.43
C MET A 375 24.70 -11.30 0.01
N ILE A 376 24.10 -10.34 -0.69
CA ILE A 376 23.71 -10.52 -2.08
C ILE A 376 24.49 -9.53 -2.94
N PRO A 377 25.46 -9.98 -3.74
CA PRO A 377 26.23 -9.04 -4.56
C PRO A 377 25.40 -8.47 -5.72
N SER A 378 24.67 -7.38 -5.44
CA SER A 378 23.78 -6.82 -6.45
C SER A 378 24.55 -6.31 -7.66
N TYR A 379 25.67 -5.62 -7.42
CA TYR A 379 26.48 -5.11 -8.53
C TYR A 379 27.00 -6.24 -9.41
N ALA A 380 27.43 -7.34 -8.78
CA ALA A 380 27.95 -8.46 -9.55
C ALA A 380 26.84 -9.20 -10.29
N LEU A 381 25.68 -9.34 -9.66
CA LEU A 381 24.56 -10.02 -10.31
C LEU A 381 23.98 -9.20 -11.45
N HIS A 382 24.06 -7.86 -11.35
CA HIS A 382 23.55 -7.02 -12.43
C HIS A 382 24.45 -7.02 -13.65
N ARG A 383 25.70 -7.45 -13.52
CA ARG A 383 26.63 -7.52 -14.63
C ARG A 383 27.04 -8.95 -14.95
N ASP A 384 26.23 -9.92 -14.54
CA ASP A 384 26.57 -11.33 -14.75
C ASP A 384 26.31 -11.71 -16.20
N PRO A 385 27.30 -12.22 -16.93
CA PRO A 385 27.06 -12.62 -18.32
C PRO A 385 26.07 -13.76 -18.47
N LYS A 386 25.91 -14.60 -17.45
CA LYS A 386 24.96 -15.69 -17.52
C LYS A 386 23.52 -15.24 -17.29
N TYR A 387 23.27 -13.94 -17.20
CA TYR A 387 21.91 -13.43 -17.02
C TYR A 387 21.62 -12.33 -18.04
N TRP A 388 22.64 -11.52 -18.33
CA TRP A 388 22.50 -10.38 -19.23
C TRP A 388 23.45 -10.53 -20.41
N THR A 389 22.94 -10.20 -21.59
CA THR A 389 23.74 -10.19 -22.81
C THR A 389 24.44 -8.84 -22.93
N GLU A 390 25.77 -8.88 -23.01
CA GLU A 390 26.63 -7.69 -23.00
C GLU A 390 26.30 -6.84 -21.78
N PRO A 391 26.62 -7.32 -20.57
CA PRO A 391 26.22 -6.56 -19.37
C PRO A 391 26.97 -5.26 -19.20
N GLU A 392 28.12 -5.10 -19.85
CA GLU A 392 28.88 -3.86 -19.74
C GLU A 392 28.28 -2.72 -20.55
N LYS A 393 27.51 -3.03 -21.58
CA LYS A 393 26.95 -2.01 -22.46
C LYS A 393 25.63 -1.47 -21.91
N PHE A 394 25.34 -0.21 -22.24
CA PHE A 394 24.11 0.45 -21.83
C PHE A 394 23.06 0.21 -22.91
N LEU A 395 22.17 -0.74 -22.66
CA LEU A 395 21.12 -1.11 -23.62
C LEU A 395 19.78 -1.11 -22.89
N PRO A 396 18.99 -0.03 -23.01
CA PRO A 396 17.68 -0.01 -22.34
C PRO A 396 16.69 -1.03 -22.87
N GLU A 397 16.96 -1.66 -24.02
CA GLU A 397 16.02 -2.60 -24.61
C GLU A 397 15.86 -3.88 -23.79
N ARG A 398 16.69 -4.10 -22.78
CA ARG A 398 16.51 -5.26 -21.91
C ARG A 398 15.20 -5.16 -21.15
N PHE A 399 14.82 -3.95 -20.74
CA PHE A 399 13.64 -3.73 -19.92
C PHE A 399 12.39 -3.41 -20.73
N SER A 400 12.42 -3.68 -22.03
CA SER A 400 11.21 -3.54 -22.83
C SER A 400 10.21 -4.64 -22.47
N ALA A 401 8.93 -4.35 -22.67
CA ALA A 401 7.89 -5.32 -22.38
C ALA A 401 8.00 -6.57 -23.24
N LYS A 402 8.77 -6.50 -24.33
CA LYS A 402 9.01 -7.68 -25.15
C LYS A 402 10.07 -8.59 -24.55
N ASN A 403 11.03 -8.02 -23.81
CA ASN A 403 12.15 -8.78 -23.28
C ASN A 403 12.16 -8.86 -21.76
N ALA A 404 11.14 -8.35 -21.09
CA ALA A 404 11.11 -8.39 -19.63
C ALA A 404 10.81 -9.77 -19.08
N ASP A 405 10.41 -10.72 -19.92
CA ASP A 405 10.19 -12.09 -19.46
C ASP A 405 11.49 -12.76 -19.06
N ASN A 406 12.61 -12.32 -19.63
CA ASN A 406 13.92 -12.88 -19.34
C ASN A 406 14.66 -12.13 -18.24
N ILE A 407 13.93 -11.49 -17.33
CA ILE A 407 14.53 -10.73 -16.23
C ILE A 407 14.03 -11.32 -14.92
N ASP A 408 14.96 -11.83 -14.12
CA ASP A 408 14.61 -12.40 -12.83
C ASP A 408 14.47 -11.29 -11.81
N PRO A 409 13.34 -11.23 -11.08
CA PRO A 409 13.16 -10.15 -10.08
C PRO A 409 14.07 -10.28 -8.87
N TYR A 410 14.79 -11.38 -8.72
CA TYR A 410 15.72 -11.56 -7.61
C TYR A 410 17.17 -11.48 -8.04
N ILE A 411 17.44 -11.35 -9.34
CA ILE A 411 18.78 -11.02 -9.81
C ILE A 411 18.94 -9.51 -9.97
N TYR A 412 17.92 -8.84 -10.49
CA TYR A 412 17.89 -7.39 -10.63
C TYR A 412 17.09 -6.81 -9.47
N THR A 413 17.77 -6.43 -8.41
CA THR A 413 17.15 -5.87 -7.20
C THR A 413 17.78 -4.53 -6.88
N PRO A 414 17.44 -3.48 -7.62
CA PRO A 414 18.01 -2.17 -7.32
C PRO A 414 17.42 -1.53 -6.08
N PHE A 415 16.17 -1.87 -5.72
CA PHE A 415 15.52 -1.34 -4.53
C PHE A 415 15.35 -2.41 -3.46
N GLY A 416 16.08 -3.52 -3.56
CA GLY A 416 15.90 -4.62 -2.64
C GLY A 416 14.61 -5.38 -2.91
N SER A 417 14.30 -6.29 -1.99
CA SER A 417 13.10 -7.10 -2.11
C SER A 417 12.66 -7.55 -0.72
N GLY A 418 11.36 -7.84 -0.61
CA GLY A 418 10.81 -8.32 0.63
C GLY A 418 10.25 -7.20 1.49
N PRO A 419 9.94 -7.53 2.75
CA PRO A 419 9.36 -6.52 3.65
C PRO A 419 10.30 -5.37 3.98
N ARG A 420 11.61 -5.57 3.86
CA ARG A 420 12.59 -4.54 4.18
C ARG A 420 13.29 -4.02 2.92
N ASN A 421 12.51 -3.77 1.87
CA ASN A 421 13.04 -3.18 0.65
C ASN A 421 13.07 -1.66 0.81
N CYS A 422 13.35 -0.95 -0.27
CA CYS A 422 13.38 0.51 -0.23
C CYS A 422 11.97 1.04 -0.03
N ILE A 423 11.75 1.74 1.10
CA ILE A 423 10.42 2.27 1.39
C ILE A 423 10.09 3.46 0.51
N GLY A 424 11.09 4.08 -0.10
CA GLY A 424 10.85 5.23 -0.97
C GLY A 424 11.10 4.92 -2.43
N MET A 425 10.88 3.66 -2.82
CA MET A 425 11.09 3.26 -4.21
C MET A 425 10.13 3.99 -5.14
N ARG A 426 8.83 3.92 -4.85
CA ARG A 426 7.84 4.56 -5.72
CA ARG A 426 7.84 4.56 -5.72
C ARG A 426 8.00 6.08 -5.72
N PHE A 427 8.43 6.65 -4.60
CA PHE A 427 8.65 8.10 -4.55
C PHE A 427 9.88 8.50 -5.35
N ALA A 428 10.97 7.74 -5.20
CA ALA A 428 12.19 8.07 -5.93
C ALA A 428 12.00 7.91 -7.44
N LEU A 429 11.26 6.88 -7.85
CA LEU A 429 11.02 6.68 -9.28
C LEU A 429 10.17 7.81 -9.85
N MET A 430 9.21 8.31 -9.07
CA MET A 430 8.36 9.39 -9.56
C MET A 430 9.13 10.73 -9.59
N ASN A 431 9.93 10.99 -8.56
CA ASN A 431 10.65 12.25 -8.49
C ASN A 431 11.73 12.33 -9.57
N MET A 432 12.43 11.23 -9.83
CA MET A 432 13.45 11.24 -10.88
C MET A 432 12.83 11.38 -12.26
N LYS A 433 11.73 10.66 -12.51
CA LYS A 433 11.07 10.76 -13.81
C LYS A 433 10.49 12.15 -14.04
N LEU A 434 9.90 12.74 -13.00
CA LEU A 434 9.40 14.11 -13.12
C LEU A 434 10.53 15.09 -13.43
N ALA A 435 11.72 14.84 -12.87
CA ALA A 435 12.86 15.71 -13.17
C ALA A 435 13.37 15.49 -14.59
N LEU A 436 13.46 14.23 -15.03
CA LEU A 436 13.95 13.95 -16.37
C LEU A 436 13.00 14.46 -17.44
N ILE A 437 11.69 14.45 -17.17
CA ILE A 437 10.72 14.92 -18.16
C ILE A 437 10.87 16.41 -18.40
N ARG A 438 10.84 17.21 -17.32
CA ARG A 438 10.89 18.66 -17.47
C ARG A 438 12.25 19.12 -17.98
N VAL A 439 13.31 18.38 -17.70
CA VAL A 439 14.63 18.76 -18.19
C VAL A 439 14.78 18.44 -19.67
N LEU A 440 14.43 17.21 -20.06
CA LEU A 440 14.57 16.81 -21.46
C LEU A 440 13.55 17.50 -22.36
N GLN A 441 12.51 18.11 -21.80
CA GLN A 441 11.57 18.89 -22.60
C GLN A 441 12.22 20.15 -23.14
N ASN A 442 13.21 20.70 -22.43
CA ASN A 442 13.79 21.98 -22.77
C ASN A 442 15.26 21.92 -23.17
N PHE A 443 15.98 20.85 -22.83
CA PHE A 443 17.42 20.81 -23.06
C PHE A 443 17.85 19.45 -23.58
N SER A 444 18.95 19.45 -24.31
CA SER A 444 19.68 18.25 -24.69
C SER A 444 21.09 18.34 -24.13
N PHE A 445 21.68 17.18 -23.84
CA PHE A 445 22.94 17.11 -23.12
C PHE A 445 24.01 16.47 -24.00
N LYS A 446 25.21 17.05 -23.97
CA LYS A 446 26.35 16.59 -24.75
C LYS A 446 27.57 16.50 -23.85
N PRO A 447 28.51 15.60 -24.19
CA PRO A 447 29.80 15.60 -23.48
C PRO A 447 30.58 16.86 -23.77
N CYS A 448 31.69 17.02 -23.03
CA CYS A 448 32.51 18.23 -23.16
C CYS A 448 34.00 17.97 -23.01
N LYS A 449 34.45 16.73 -23.29
CA LYS A 449 35.85 16.33 -23.20
C LYS A 449 36.30 16.28 -21.73
N GLU A 450 36.15 17.38 -21.00
CA GLU A 450 36.42 17.35 -19.56
C GLU A 450 35.46 16.44 -18.79
N THR A 451 34.48 15.85 -19.47
CA THR A 451 33.68 14.78 -18.89
C THR A 451 34.48 13.48 -18.93
N GLN A 452 34.55 12.80 -17.79
CA GLN A 452 35.34 11.57 -17.69
C GLN A 452 34.66 10.47 -18.48
N ILE A 453 35.25 10.10 -19.62
CA ILE A 453 34.73 9.04 -20.48
C ILE A 453 35.85 8.04 -20.72
N PRO A 454 35.71 6.77 -20.30
CA PRO A 454 34.54 6.25 -19.60
C PRO A 454 34.48 6.66 -18.13
N LEU A 455 33.29 6.61 -17.54
CA LEU A 455 33.11 7.04 -16.16
C LEU A 455 33.79 6.06 -15.21
N LYS A 456 34.71 6.56 -14.39
CA LYS A 456 35.37 5.75 -13.39
C LYS A 456 34.56 5.80 -12.09
N LEU A 457 34.14 4.64 -11.61
CA LEU A 457 33.45 4.57 -10.32
C LEU A 457 34.44 4.75 -9.19
N SER A 458 33.96 5.35 -8.09
CA SER A 458 34.80 5.56 -6.92
C SER A 458 35.23 4.22 -6.33
N LEU A 459 36.53 3.96 -6.34
CA LEU A 459 37.07 2.74 -5.76
C LEU A 459 36.96 2.70 -4.23
N GLY A 460 36.32 3.69 -3.62
CA GLY A 460 36.16 3.71 -2.18
C GLY A 460 34.95 2.92 -1.71
N GLY A 461 34.17 3.50 -0.80
CA GLY A 461 33.04 2.81 -0.21
C GLY A 461 31.76 2.90 -1.01
N LEU A 462 31.14 4.08 -1.03
CA LEU A 462 29.85 4.27 -1.68
C LEU A 462 30.03 4.39 -3.18
N LEU A 463 28.92 4.18 -3.90
CA LEU A 463 28.93 4.17 -5.36
C LEU A 463 28.81 5.59 -5.87
N GLN A 464 29.94 6.16 -6.30
CA GLN A 464 29.99 7.50 -6.87
C GLN A 464 31.04 7.50 -7.96
N PRO A 465 31.04 8.51 -8.84
CA PRO A 465 32.13 8.65 -9.80
C PRO A 465 33.37 9.24 -9.15
N GLU A 466 34.52 8.93 -9.74
CA GLU A 466 35.77 9.53 -9.29
C GLU A 466 35.74 11.04 -9.49
N LYS A 467 35.56 11.47 -10.73
CA LYS A 467 35.40 12.86 -11.13
C LYS A 467 33.93 13.20 -11.29
N PRO A 468 33.50 14.38 -10.84
CA PRO A 468 32.08 14.74 -10.92
C PRO A 468 31.59 14.77 -12.37
N VAL A 469 30.32 14.41 -12.54
CA VAL A 469 29.73 14.37 -13.87
C VAL A 469 29.49 15.80 -14.35
N VAL A 470 30.19 16.19 -15.42
CA VAL A 470 30.02 17.49 -16.04
C VAL A 470 29.58 17.27 -17.49
N LEU A 471 28.64 18.08 -17.95
CA LEU A 471 28.12 17.97 -19.31
C LEU A 471 27.80 19.35 -19.85
N LYS A 472 27.73 19.44 -21.17
CA LYS A 472 27.33 20.67 -21.84
C LYS A 472 25.81 20.66 -22.05
N VAL A 473 25.16 21.77 -21.73
CA VAL A 473 23.70 21.87 -21.79
C VAL A 473 23.34 22.81 -22.94
N GLU A 474 22.64 22.27 -23.93
CA GLU A 474 22.15 23.05 -25.07
C GLU A 474 20.63 23.17 -24.98
N SER A 475 20.12 24.35 -25.31
CA SER A 475 18.69 24.61 -25.24
C SER A 475 18.03 24.26 -26.57
N ARG A 476 16.79 23.79 -26.48
CA ARG A 476 16.03 23.39 -27.66
C ARG A 476 15.19 24.54 -28.17
N SER B 9 -39.10 18.20 -13.60
CA SER B 9 -37.92 17.82 -12.83
C SER B 9 -37.12 16.74 -13.56
N HIS B 10 -37.65 16.27 -14.69
CA HIS B 10 -37.00 15.25 -15.50
C HIS B 10 -36.20 15.84 -16.66
N GLY B 11 -36.08 17.16 -16.72
CA GLY B 11 -35.27 17.79 -17.74
C GLY B 11 -34.00 18.40 -17.17
N LEU B 12 -33.60 17.92 -16.00
CA LEU B 12 -32.41 18.47 -15.34
C LEU B 12 -31.14 18.08 -16.08
N PHE B 13 -30.92 16.78 -16.28
CA PHE B 13 -29.73 16.33 -16.99
C PHE B 13 -29.74 16.75 -18.45
N LYS B 14 -30.92 17.02 -19.02
CA LYS B 14 -30.98 17.60 -20.36
C LYS B 14 -30.54 19.05 -20.35
N LYS B 15 -30.81 19.78 -19.27
CA LYS B 15 -30.37 21.16 -19.15
C LYS B 15 -28.85 21.23 -19.00
N LEU B 16 -28.29 20.44 -18.09
CA LEU B 16 -26.86 20.47 -17.81
C LEU B 16 -26.03 19.81 -18.91
N GLY B 17 -26.65 19.33 -19.99
CA GLY B 17 -25.91 18.67 -21.03
C GLY B 17 -25.32 17.34 -20.65
N ILE B 18 -25.82 16.71 -19.59
CA ILE B 18 -25.31 15.43 -19.12
C ILE B 18 -26.09 14.32 -19.81
N PRO B 19 -25.43 13.38 -20.48
CA PRO B 19 -26.17 12.30 -21.14
C PRO B 19 -26.77 11.33 -20.14
N GLY B 20 -27.70 10.52 -20.63
CA GLY B 20 -28.38 9.55 -19.81
C GLY B 20 -29.60 8.96 -20.49
N PRO B 21 -30.12 7.87 -19.94
CA PRO B 21 -31.31 7.25 -20.53
C PRO B 21 -32.55 8.14 -20.36
N THR B 22 -33.42 8.08 -21.35
CA THR B 22 -34.62 8.90 -21.35
C THR B 22 -35.57 8.43 -20.25
N PRO B 23 -35.97 9.30 -19.32
CA PRO B 23 -36.83 8.86 -18.21
C PRO B 23 -38.31 8.89 -18.56
N LEU B 24 -39.02 7.91 -18.05
CA LEU B 24 -40.48 7.91 -18.14
C LEU B 24 -41.07 8.79 -17.05
N PRO B 25 -42.26 9.35 -17.27
CA PRO B 25 -42.89 10.18 -16.23
C PRO B 25 -43.10 9.38 -14.95
N PHE B 26 -42.91 10.08 -13.82
CA PHE B 26 -43.10 9.52 -12.48
C PHE B 26 -42.07 8.42 -12.21
N LEU B 27 -42.07 7.36 -13.02
CA LEU B 27 -41.17 6.24 -12.77
C LEU B 27 -39.72 6.63 -12.95
N GLY B 28 -39.41 7.37 -14.02
CA GLY B 28 -38.03 7.73 -14.30
C GLY B 28 -37.30 6.65 -15.06
N ASN B 29 -36.29 6.05 -14.42
CA ASN B 29 -35.51 4.98 -15.03
C ASN B 29 -35.53 3.70 -14.18
N ILE B 30 -36.48 3.60 -13.24
CA ILE B 30 -36.49 2.46 -12.32
C ILE B 30 -36.89 1.17 -13.01
N LEU B 31 -37.53 1.24 -14.18
CA LEU B 31 -37.86 0.03 -14.92
C LEU B 31 -36.64 -0.62 -15.55
N SER B 32 -35.50 0.08 -15.61
CA SER B 32 -34.26 -0.51 -16.09
C SER B 32 -33.57 -1.33 -15.02
N TYR B 33 -34.07 -1.32 -13.78
CA TYR B 33 -33.52 -2.11 -12.69
C TYR B 33 -33.96 -3.57 -12.74
N HIS B 34 -34.61 -4.00 -13.83
CA HIS B 34 -35.03 -5.39 -13.95
C HIS B 34 -33.84 -6.34 -13.97
N LYS B 35 -32.66 -5.85 -14.40
CA LYS B 35 -31.44 -6.63 -14.34
C LYS B 35 -30.60 -6.32 -13.10
N GLY B 36 -31.04 -5.37 -12.28
CA GLY B 36 -30.33 -5.01 -11.06
C GLY B 36 -29.54 -3.72 -11.22
N PHE B 37 -29.05 -3.23 -10.07
CA PHE B 37 -28.23 -2.03 -10.08
C PHE B 37 -26.93 -2.26 -10.85
N CYS B 38 -26.36 -3.46 -10.72
CA CYS B 38 -25.04 -3.73 -11.27
C CYS B 38 -25.07 -3.70 -12.80
N MET B 39 -26.00 -4.43 -13.41
CA MET B 39 -26.05 -4.47 -14.87
C MET B 39 -26.53 -3.13 -15.46
N PHE B 40 -27.31 -2.37 -14.69
CA PHE B 40 -27.75 -1.07 -15.18
C PHE B 40 -26.61 -0.06 -15.18
N ASP B 41 -25.72 -0.13 -14.19
CA ASP B 41 -24.59 0.79 -14.14
C ASP B 41 -23.55 0.45 -15.20
N MET B 42 -23.34 -0.84 -15.47
CA MET B 42 -22.35 -1.22 -16.47
C MET B 42 -22.82 -0.88 -17.88
N GLU B 43 -24.10 -1.06 -18.16
CA GLU B 43 -24.62 -0.68 -19.46
C GLU B 43 -24.57 0.84 -19.66
N CYS B 44 -24.88 1.60 -18.62
CA CYS B 44 -24.79 3.05 -18.72
C CYS B 44 -23.34 3.53 -18.76
N HIS B 45 -22.43 2.76 -18.16
CA HIS B 45 -21.02 3.15 -18.18
C HIS B 45 -20.40 3.00 -19.56
N LYS B 46 -20.86 2.16 -20.42
CA LYS B 46 -20.38 2.01 -21.79
C LYS B 46 -21.12 2.91 -22.77
N LYS B 47 -22.51 3.25 -22.56
CA LYS B 47 -23.19 4.02 -23.52
C LYS B 47 -22.83 5.49 -23.40
N TYR B 48 -22.77 6.05 -22.28
CA TYR B 48 -22.65 7.47 -21.99
C TYR B 48 -21.28 7.93 -21.58
N GLY B 49 -20.32 7.01 -21.44
CA GLY B 49 -18.99 7.48 -21.16
C GLY B 49 -18.62 7.48 -19.70
N LYS B 50 -18.09 8.54 -19.16
CA LYS B 50 -17.55 8.78 -17.83
C LYS B 50 -18.49 9.35 -16.80
N VAL B 51 -19.48 10.14 -17.24
CA VAL B 51 -20.41 10.83 -16.39
C VAL B 51 -21.79 10.75 -17.05
N TRP B 52 -22.84 10.27 -16.37
CA TRP B 52 -24.21 10.19 -16.85
C TRP B 52 -25.16 10.42 -15.69
N GLY B 53 -26.42 10.68 -16.04
CA GLY B 53 -27.44 10.97 -15.05
C GLY B 53 -28.79 10.36 -15.36
N PHE B 54 -29.35 9.63 -14.42
CA PHE B 54 -30.67 9.03 -14.54
C PHE B 54 -31.55 9.52 -13.39
N TYR B 55 -32.78 9.01 -13.35
CA TYR B 55 -33.78 9.44 -12.38
C TYR B 55 -34.33 8.22 -11.65
N ASP B 56 -34.24 8.24 -10.33
CA ASP B 56 -34.91 7.26 -9.47
C ASP B 56 -36.25 7.86 -9.07
N GLY B 57 -37.25 7.70 -9.93
CA GLY B 57 -38.53 8.37 -9.74
C GLY B 57 -38.44 9.83 -10.12
N GLN B 58 -38.47 10.71 -9.11
CA GLN B 58 -38.24 12.13 -9.32
C GLN B 58 -36.88 12.58 -8.78
N GLN B 59 -36.09 11.65 -8.25
CA GLN B 59 -34.79 11.99 -7.68
C GLN B 59 -33.72 11.90 -8.76
N PRO B 60 -33.10 13.01 -9.17
CA PRO B 60 -32.02 12.93 -10.15
C PRO B 60 -30.75 12.37 -9.52
N VAL B 61 -30.13 11.42 -10.21
CA VAL B 61 -28.93 10.74 -9.74
C VAL B 61 -27.83 10.95 -10.78
N LEU B 62 -26.78 11.67 -10.40
CA LEU B 62 -25.64 11.90 -11.26
C LEU B 62 -24.55 10.89 -10.93
N ALA B 63 -24.17 10.08 -11.92
CA ALA B 63 -23.18 9.04 -11.75
C ALA B 63 -21.83 9.54 -12.28
N ILE B 64 -20.84 9.60 -11.40
CA ILE B 64 -19.50 10.05 -11.76
C ILE B 64 -18.55 8.86 -11.69
N THR B 65 -17.55 8.88 -12.58
CA THR B 65 -16.54 7.83 -12.62
C THR B 65 -15.12 8.36 -12.67
N ASP B 66 -14.94 9.68 -12.66
CA ASP B 66 -13.60 10.25 -12.70
C ASP B 66 -12.94 10.16 -11.33
N PRO B 67 -11.79 9.52 -11.21
CA PRO B 67 -11.17 9.36 -9.87
C PRO B 67 -10.89 10.67 -9.17
N ASP B 68 -10.52 11.72 -9.91
CA ASP B 68 -10.31 13.02 -9.28
C ASP B 68 -11.62 13.62 -8.78
N MET B 69 -12.69 13.47 -9.56
CA MET B 69 -13.99 13.96 -9.13
C MET B 69 -14.57 13.09 -8.02
N ILE B 70 -14.25 11.79 -8.02
CA ILE B 70 -14.66 10.92 -6.92
C ILE B 70 -13.98 11.35 -5.63
N LYS B 71 -12.71 11.76 -5.72
CA LYS B 71 -11.99 12.22 -4.53
C LYS B 71 -12.59 13.50 -3.97
N THR B 72 -13.06 14.39 -4.85
CA THR B 72 -13.65 15.65 -4.39
C THR B 72 -14.95 15.41 -3.63
N VAL B 73 -15.75 14.45 -4.10
CA VAL B 73 -17.04 14.18 -3.45
C VAL B 73 -16.83 13.46 -2.13
N LEU B 74 -15.97 12.43 -2.13
CA LEU B 74 -15.86 11.55 -0.96
C LEU B 74 -14.94 12.11 0.11
N VAL B 75 -13.89 12.82 -0.27
CA VAL B 75 -12.82 13.22 0.65
C VAL B 75 -12.79 14.74 0.84
N LYS B 76 -12.46 15.49 -0.21
CA LYS B 76 -12.16 16.91 -0.06
C LYS B 76 -13.38 17.70 0.41
N GLU B 77 -14.53 17.51 -0.24
CA GLU B 77 -15.74 18.26 0.05
C GLU B 77 -16.78 17.39 0.74
N CYS B 78 -16.34 16.53 1.67
CA CYS B 78 -17.27 15.68 2.40
C CYS B 78 -17.94 16.44 3.53
N TYR B 79 -17.14 17.03 4.43
CA TYR B 79 -17.70 17.78 5.55
C TYR B 79 -18.48 19.01 5.12
N SER B 80 -18.26 19.48 3.88
CA SER B 80 -18.84 20.74 3.42
C SER B 80 -20.11 20.55 2.59
N VAL B 81 -20.06 19.69 1.58
CA VAL B 81 -21.14 19.55 0.60
C VAL B 81 -21.73 18.15 0.60
N PHE B 82 -20.88 17.13 0.43
CA PHE B 82 -21.34 15.75 0.29
C PHE B 82 -21.16 15.02 1.62
N THR B 83 -22.02 15.38 2.57
CA THR B 83 -21.94 14.85 3.94
C THR B 83 -22.89 13.68 4.18
N ASN B 84 -24.08 13.71 3.59
CA ASN B 84 -25.12 12.74 3.91
C ASN B 84 -25.42 11.86 2.70
N ARG B 85 -25.86 10.63 2.99
CA ARG B 85 -26.25 9.70 1.95
C ARG B 85 -27.69 9.97 1.52
N ARG B 86 -28.24 9.11 0.66
CA ARG B 86 -29.60 9.28 0.19
C ARG B 86 -30.57 9.19 1.37
N PRO B 87 -31.55 10.08 1.45
CA PRO B 87 -32.53 10.01 2.56
C PRO B 87 -33.32 8.71 2.51
N PHE B 88 -33.25 7.96 3.61
CA PHE B 88 -33.88 6.66 3.72
C PHE B 88 -34.93 6.70 4.82
N GLY B 89 -36.12 6.18 4.52
CA GLY B 89 -37.21 6.17 5.47
C GLY B 89 -38.42 5.41 4.96
N PRO B 90 -39.44 5.24 5.82
CA PRO B 90 -39.46 5.66 7.22
C PRO B 90 -38.61 4.77 8.12
N VAL B 91 -37.88 5.36 9.06
CA VAL B 91 -36.91 4.63 9.86
C VAL B 91 -37.32 4.63 11.33
N GLY B 92 -38.08 5.64 11.74
CA GLY B 92 -38.49 5.71 13.14
C GLY B 92 -37.32 6.04 14.03
N PHE B 93 -37.08 5.21 15.04
CA PHE B 93 -35.98 5.43 15.96
C PHE B 93 -34.62 5.07 15.36
N MET B 94 -34.59 4.42 14.20
CA MET B 94 -33.34 4.09 13.52
C MET B 94 -32.72 5.29 12.82
N LYS B 95 -33.35 6.46 12.89
CA LYS B 95 -32.76 7.66 12.30
C LYS B 95 -31.48 8.08 13.01
N SER B 96 -31.26 7.62 14.24
CA SER B 96 -30.07 7.95 15.00
C SER B 96 -28.90 7.02 14.73
N ALA B 97 -29.04 6.09 13.78
CA ALA B 97 -27.93 5.23 13.42
C ALA B 97 -26.86 6.03 12.69
N ILE B 98 -25.60 5.65 12.90
CA ILE B 98 -24.49 6.37 12.30
C ILE B 98 -24.57 6.32 10.77
N SER B 99 -25.09 5.24 10.22
CA SER B 99 -25.26 5.10 8.78
C SER B 99 -26.50 5.81 8.26
N ILE B 100 -27.29 6.44 9.13
CA ILE B 100 -28.52 7.11 8.72
C ILE B 100 -28.50 8.55 9.19
N ALA B 101 -27.81 8.81 10.31
CA ALA B 101 -27.72 10.16 10.85
C ALA B 101 -27.04 11.10 9.85
N GLU B 102 -27.32 12.39 10.01
CA GLU B 102 -26.86 13.41 9.07
C GLU B 102 -26.20 14.56 9.81
N ASP B 103 -25.15 15.10 9.20
CA ASP B 103 -24.50 16.33 9.65
C ASP B 103 -23.97 16.25 11.07
N GLU B 104 -24.58 17.02 11.98
CA GLU B 104 -24.04 17.14 13.34
C GLU B 104 -24.15 15.84 14.11
N GLU B 105 -25.25 15.10 13.92
CA GLU B 105 -25.41 13.84 14.63
C GLU B 105 -24.43 12.79 14.13
N TRP B 106 -24.13 12.79 12.83
CA TRP B 106 -23.16 11.84 12.30
C TRP B 106 -21.74 12.14 12.80
N LYS B 107 -21.42 13.43 12.97
CA LYS B 107 -20.08 13.79 13.41
C LYS B 107 -19.81 13.34 14.84
N ARG B 108 -20.81 13.48 15.71
CA ARG B 108 -20.62 13.08 17.11
C ARG B 108 -20.60 11.56 17.27
N LEU B 109 -21.32 10.84 16.40
CA LEU B 109 -21.33 9.39 16.48
C LEU B 109 -20.14 8.75 15.77
N ARG B 110 -19.67 9.38 14.69
CA ARG B 110 -18.49 8.85 14.00
C ARG B 110 -17.26 8.91 14.89
N SER B 111 -17.11 9.99 15.66
CA SER B 111 -15.99 10.12 16.58
C SER B 111 -16.19 9.29 17.85
N LEU B 112 -17.44 9.04 18.24
CA LEU B 112 -17.69 8.26 19.44
C LEU B 112 -17.41 6.79 19.22
N LEU B 113 -17.81 6.25 18.07
CA LEU B 113 -17.64 4.83 17.77
C LEU B 113 -16.35 4.52 17.03
N SER B 114 -15.52 5.53 16.75
CA SER B 114 -14.22 5.31 16.13
C SER B 114 -13.25 4.57 17.05
N PRO B 115 -13.18 4.90 18.35
CA PRO B 115 -12.28 4.13 19.24
C PRO B 115 -12.65 2.66 19.36
N THR B 116 -13.77 2.21 18.81
CA THR B 116 -14.11 0.80 18.84
C THR B 116 -13.08 -0.04 18.09
N PHE B 117 -12.44 0.55 17.09
CA PHE B 117 -11.49 -0.17 16.25
C PHE B 117 -10.12 0.48 16.24
N THR B 118 -9.72 1.08 17.36
CA THR B 118 -8.32 1.45 17.54
C THR B 118 -7.46 0.19 17.59
N SER B 119 -6.17 0.37 17.29
CA SER B 119 -5.27 -0.77 17.23
C SER B 119 -5.20 -1.55 18.53
N GLY B 120 -5.60 -0.94 19.65
CA GLY B 120 -5.64 -1.63 20.92
C GLY B 120 -6.93 -2.39 21.15
N LYS B 121 -8.07 -1.73 20.91
CA LYS B 121 -9.36 -2.38 21.09
C LYS B 121 -9.54 -3.53 20.12
N LEU B 122 -8.99 -3.41 18.91
CA LEU B 122 -9.11 -4.49 17.93
C LEU B 122 -8.21 -5.67 18.29
N LYS B 123 -7.08 -5.40 18.94
CA LYS B 123 -6.19 -6.47 19.40
C LYS B 123 -6.73 -7.19 20.61
N GLU B 124 -7.62 -6.56 21.39
CA GLU B 124 -8.26 -7.21 22.51
C GLU B 124 -9.25 -8.28 22.07
N MET B 125 -9.71 -8.22 20.82
CA MET B 125 -10.75 -9.11 20.31
C MET B 125 -10.21 -10.41 19.74
N VAL B 126 -8.89 -10.52 19.56
CA VAL B 126 -8.28 -11.70 18.95
C VAL B 126 -8.47 -12.93 19.84
N PRO B 127 -8.19 -12.87 21.16
CA PRO B 127 -8.50 -14.03 22.01
C PRO B 127 -9.99 -14.34 22.08
N ILE B 128 -10.85 -13.35 21.83
CA ILE B 128 -12.29 -13.61 21.80
C ILE B 128 -12.68 -14.36 20.53
N ILE B 129 -12.04 -14.01 19.40
CA ILE B 129 -12.40 -14.61 18.13
C ILE B 129 -11.80 -16.01 17.98
N ALA B 130 -10.60 -16.22 18.51
CA ALA B 130 -9.91 -17.50 18.33
C ALA B 130 -10.70 -18.67 18.91
N GLN B 131 -11.61 -18.41 19.84
CA GLN B 131 -12.44 -19.49 20.39
C GLN B 131 -13.40 -20.02 19.35
N TYR B 132 -14.12 -19.14 18.66
CA TYR B 132 -15.12 -19.55 17.68
C TYR B 132 -14.50 -20.10 16.41
N GLY B 133 -13.21 -19.89 16.18
CA GLY B 133 -12.54 -20.47 15.03
C GLY B 133 -12.40 -21.98 15.12
N ASP B 134 -12.39 -22.52 16.34
CA ASP B 134 -12.35 -23.97 16.55
C ASP B 134 -13.73 -24.60 16.47
N VAL B 135 -14.76 -23.91 16.95
CA VAL B 135 -16.13 -24.40 16.78
C VAL B 135 -16.52 -24.41 15.31
N LEU B 136 -16.00 -23.45 14.54
CA LEU B 136 -16.22 -23.45 13.10
C LEU B 136 -15.59 -24.68 12.45
N VAL B 137 -14.39 -25.06 12.90
CA VAL B 137 -13.74 -26.25 12.37
C VAL B 137 -14.43 -27.50 12.88
N ARG B 138 -14.83 -27.51 14.15
CA ARG B 138 -15.45 -28.70 14.72
C ARG B 138 -16.85 -28.93 14.15
N ASN B 139 -17.53 -27.87 13.72
CA ASN B 139 -18.84 -28.04 13.08
C ASN B 139 -18.69 -28.45 11.62
N LEU B 140 -17.68 -27.92 10.92
CA LEU B 140 -17.43 -28.34 9.55
C LEU B 140 -16.92 -29.78 9.50
N ARG B 141 -16.18 -30.21 10.52
CA ARG B 141 -15.64 -31.57 10.52
C ARG B 141 -16.75 -32.61 10.61
N ARG B 142 -17.85 -32.28 11.28
CA ARG B 142 -18.99 -33.21 11.33
C ARG B 142 -19.63 -33.36 9.95
N GLU B 143 -19.66 -32.30 9.15
CA GLU B 143 -20.17 -32.35 7.80
C GLU B 143 -19.09 -32.63 6.77
N ALA B 144 -17.84 -32.82 7.20
CA ALA B 144 -16.75 -33.18 6.31
C ALA B 144 -16.39 -34.66 6.37
N GLU B 145 -16.40 -35.25 7.56
CA GLU B 145 -16.18 -36.68 7.67
C GLU B 145 -17.27 -37.47 6.95
N THR B 146 -18.49 -36.95 6.93
CA THR B 146 -19.55 -37.48 6.09
C THR B 146 -19.58 -36.70 4.77
N GLY B 147 -19.96 -37.38 3.70
CA GLY B 147 -19.99 -36.75 2.39
C GLY B 147 -21.23 -35.90 2.15
N LYS B 148 -21.38 -34.83 2.94
CA LYS B 148 -22.55 -33.96 2.83
C LYS B 148 -22.13 -32.60 2.30
N PRO B 149 -22.72 -32.13 1.21
CA PRO B 149 -22.45 -30.76 0.75
C PRO B 149 -22.87 -29.74 1.79
N VAL B 150 -21.97 -28.80 2.09
CA VAL B 150 -22.15 -27.85 3.17
C VAL B 150 -22.59 -26.51 2.61
N THR B 151 -23.71 -26.00 3.10
CA THR B 151 -24.12 -24.63 2.80
C THR B 151 -23.21 -23.68 3.58
N LEU B 152 -22.38 -22.92 2.85
CA LEU B 152 -21.31 -22.17 3.49
C LEU B 152 -21.85 -21.00 4.32
N LYS B 153 -22.86 -20.30 3.81
CA LYS B 153 -23.35 -19.13 4.52
C LYS B 153 -24.04 -19.48 5.83
N ASP B 154 -24.54 -20.72 5.97
CA ASP B 154 -25.12 -21.14 7.23
C ASP B 154 -24.05 -21.29 8.30
N VAL B 155 -22.96 -22.01 7.97
CA VAL B 155 -21.90 -22.22 8.96
C VAL B 155 -21.05 -20.96 9.13
N PHE B 156 -20.96 -20.12 8.10
CA PHE B 156 -20.25 -18.85 8.25
C PHE B 156 -21.08 -17.81 8.98
N GLY B 157 -22.40 -17.82 8.78
CA GLY B 157 -23.25 -16.88 9.48
C GLY B 157 -23.29 -17.10 10.97
N ALA B 158 -23.19 -18.37 11.41
CA ALA B 158 -23.16 -18.65 12.84
C ALA B 158 -21.87 -18.14 13.47
N TYR B 159 -20.75 -18.29 12.77
CA TYR B 159 -19.48 -17.78 13.27
C TYR B 159 -19.48 -16.26 13.31
N SER B 160 -20.14 -15.61 12.35
CA SER B 160 -20.13 -14.15 12.29
C SER B 160 -20.97 -13.53 13.40
N MET B 161 -22.07 -14.19 13.80
CA MET B 161 -22.90 -13.66 14.87
C MET B 161 -22.22 -13.78 16.23
N ASP B 162 -21.42 -14.83 16.42
CA ASP B 162 -20.69 -14.98 17.67
C ASP B 162 -19.66 -13.87 17.85
N VAL B 163 -18.88 -13.59 16.81
CA VAL B 163 -17.81 -12.59 16.90
C VAL B 163 -18.38 -11.22 17.23
N ILE B 164 -19.46 -10.83 16.55
CA ILE B 164 -20.00 -9.49 16.72
C ILE B 164 -20.72 -9.35 18.07
N THR B 165 -21.26 -10.45 18.59
CA THR B 165 -21.93 -10.39 19.89
C THR B 165 -20.96 -10.48 21.07
N SER B 166 -19.72 -10.87 20.83
CA SER B 166 -18.71 -10.94 21.88
C SER B 166 -17.66 -9.84 21.78
N THR B 167 -17.31 -9.41 20.57
CA THR B 167 -16.40 -8.29 20.40
C THR B 167 -17.08 -6.95 20.63
N SER B 168 -18.40 -6.91 20.69
CA SER B 168 -19.14 -5.69 20.96
C SER B 168 -19.95 -5.72 22.25
N PHE B 169 -20.25 -6.90 22.79
CA PHE B 169 -21.00 -7.02 24.03
C PHE B 169 -20.40 -8.00 25.02
N GLY B 170 -19.63 -9.00 24.58
CA GLY B 170 -19.01 -9.94 25.49
C GLY B 170 -19.92 -11.04 25.98
N VAL B 171 -20.85 -11.49 25.15
CA VAL B 171 -21.80 -12.53 25.51
C VAL B 171 -21.61 -13.73 24.60
N ASN B 172 -21.63 -14.92 25.18
CA ASN B 172 -21.45 -16.18 24.46
C ASN B 172 -22.78 -16.91 24.42
N ILE B 173 -23.38 -17.00 23.21
CA ILE B 173 -24.67 -17.65 23.04
C ILE B 173 -24.64 -18.52 21.79
N ASP B 174 -24.47 -17.90 20.63
CA ASP B 174 -24.48 -18.58 19.34
C ASP B 174 -23.44 -19.68 19.28
N SER B 175 -23.62 -20.62 18.37
CA SER B 175 -22.80 -21.83 18.29
C SER B 175 -22.88 -22.62 19.59
N PRO B 179 -26.98 -23.66 15.66
CA PRO B 179 -28.13 -24.15 14.90
C PRO B 179 -29.23 -23.12 14.76
N GLN B 180 -30.42 -23.43 15.29
CA GLN B 180 -31.55 -22.51 15.27
C GLN B 180 -31.36 -21.47 16.38
N ASP B 181 -30.59 -20.43 16.05
CA ASP B 181 -30.28 -19.36 16.98
C ASP B 181 -31.24 -18.19 16.77
N PRO B 182 -31.77 -17.59 17.85
CA PRO B 182 -32.72 -16.50 17.67
C PRO B 182 -32.12 -15.24 17.09
N PHE B 183 -30.83 -14.99 17.31
CA PHE B 183 -30.19 -13.80 16.76
C PHE B 183 -30.03 -13.92 15.25
N VAL B 184 -29.50 -15.05 14.79
CA VAL B 184 -29.31 -15.25 13.36
C VAL B 184 -30.64 -15.29 12.63
N GLU B 185 -31.70 -15.75 13.29
CA GLU B 185 -32.99 -15.88 12.64
C GLU B 185 -33.68 -14.53 12.45
N ASN B 186 -33.59 -13.66 13.45
CA ASN B 186 -34.23 -12.35 13.34
C ASN B 186 -33.38 -11.35 12.56
N THR B 187 -32.06 -11.50 12.60
CA THR B 187 -31.19 -10.56 11.91
C THR B 187 -31.19 -10.80 10.39
N LYS B 188 -31.37 -12.05 9.96
CA LYS B 188 -31.38 -12.33 8.53
C LYS B 188 -32.60 -11.74 7.84
N LYS B 189 -33.72 -11.66 8.55
CA LYS B 189 -34.94 -11.04 8.03
C LYS B 189 -35.10 -9.60 8.52
N LEU B 190 -33.99 -8.94 8.85
CA LEU B 190 -34.04 -7.56 9.31
C LEU B 190 -34.41 -6.62 8.17
N LEU B 191 -33.98 -6.93 6.95
CA LEU B 191 -34.36 -6.13 5.79
C LEU B 191 -34.22 -6.98 4.53
N ARG B 192 -35.20 -6.86 3.64
CA ARG B 192 -35.24 -7.60 2.38
C ARG B 192 -35.69 -6.61 1.31
N PHE B 193 -34.73 -5.98 0.65
CA PHE B 193 -35.03 -5.02 -0.42
C PHE B 193 -35.27 -5.79 -1.72
N ASP B 194 -36.43 -6.44 -1.76
CA ASP B 194 -36.92 -7.05 -3.00
C ASP B 194 -37.56 -5.95 -3.83
N PHE B 195 -36.90 -5.56 -4.93
CA PHE B 195 -37.34 -4.41 -5.70
C PHE B 195 -38.73 -4.61 -6.30
N LEU B 196 -39.19 -5.86 -6.41
CA LEU B 196 -40.53 -6.12 -6.90
C LEU B 196 -41.59 -6.03 -5.79
N ASP B 197 -41.18 -5.85 -4.56
CA ASP B 197 -42.12 -5.50 -3.51
C ASP B 197 -42.63 -4.09 -3.76
N PRO B 198 -43.94 -3.88 -3.93
CA PRO B 198 -44.46 -2.53 -4.18
C PRO B 198 -44.12 -1.53 -3.08
N PHE B 199 -43.71 -1.99 -1.90
CA PHE B 199 -43.34 -1.07 -0.83
C PHE B 199 -42.03 -0.36 -1.14
N PHE B 200 -40.94 -1.12 -1.28
CA PHE B 200 -39.65 -0.52 -1.61
C PHE B 200 -39.65 0.09 -3.01
N LEU B 201 -40.57 -0.33 -3.88
CA LEU B 201 -40.66 0.28 -5.20
C LEU B 201 -41.28 1.66 -5.12
N SER B 202 -42.37 1.80 -4.36
CA SER B 202 -43.11 3.06 -4.36
C SER B 202 -42.38 4.15 -3.60
N ILE B 203 -41.99 3.87 -2.36
CA ILE B 203 -41.40 4.90 -1.50
C ILE B 203 -40.08 5.43 -2.04
N THR B 204 -39.48 4.75 -3.02
CA THR B 204 -38.30 5.27 -3.70
C THR B 204 -38.66 6.02 -4.97
N VAL B 205 -39.59 5.47 -5.77
CA VAL B 205 -40.03 6.15 -6.99
C VAL B 205 -40.90 7.35 -6.64
N PHE B 206 -41.85 7.16 -5.72
CA PHE B 206 -42.72 8.24 -5.26
C PHE B 206 -42.40 8.54 -3.80
N PRO B 207 -41.35 9.31 -3.52
CA PRO B 207 -40.89 9.46 -2.14
C PRO B 207 -41.63 10.51 -1.33
N PHE B 208 -42.47 11.33 -1.98
CA PHE B 208 -43.14 12.42 -1.27
C PHE B 208 -44.18 11.93 -0.26
N LEU B 209 -44.34 10.62 -0.11
CA LEU B 209 -45.25 10.06 0.88
C LEU B 209 -44.50 9.51 2.09
N ILE B 210 -43.20 9.73 2.19
CA ILE B 210 -42.44 9.27 3.36
C ILE B 210 -42.87 9.99 4.63
N PRO B 211 -43.00 11.31 4.67
CA PRO B 211 -43.46 11.96 5.91
C PRO B 211 -44.85 11.53 6.35
N ILE B 212 -45.66 10.98 5.45
CA ILE B 212 -46.94 10.39 5.86
C ILE B 212 -46.67 9.23 6.82
N LEU B 213 -45.81 8.31 6.40
CA LEU B 213 -45.49 7.14 7.23
C LEU B 213 -44.70 7.53 8.47
N GLU B 214 -43.98 8.67 8.44
CA GLU B 214 -43.22 9.10 9.60
C GLU B 214 -44.15 9.57 10.72
N VAL B 215 -45.09 10.45 10.40
CA VAL B 215 -46.03 10.93 11.41
C VAL B 215 -47.05 9.84 11.77
N LEU B 216 -47.19 8.81 10.94
CA LEU B 216 -48.04 7.67 11.25
C LEU B 216 -47.30 6.58 12.02
N ASN B 217 -46.08 6.86 12.49
CA ASN B 217 -45.30 5.93 13.29
C ASN B 217 -45.00 4.63 12.54
N ILE B 218 -44.85 4.72 11.23
CA ILE B 218 -44.54 3.58 10.39
C ILE B 218 -43.03 3.54 10.16
N CYS B 219 -42.51 2.36 9.81
CA CYS B 219 -41.09 2.18 9.62
C CYS B 219 -40.86 1.11 8.56
N VAL B 220 -39.64 1.12 8.00
CA VAL B 220 -39.29 0.11 7.00
C VAL B 220 -38.88 -1.20 7.67
N PHE B 221 -38.28 -1.13 8.86
CA PHE B 221 -37.86 -2.35 9.53
C PHE B 221 -39.05 -2.98 10.26
N PRO B 222 -39.18 -4.31 10.21
CA PRO B 222 -40.29 -4.97 10.89
C PRO B 222 -40.37 -4.57 12.36
N ARG B 223 -41.60 -4.49 12.86
CA ARG B 223 -41.82 -4.00 14.22
C ARG B 223 -41.25 -4.97 15.26
N GLU B 224 -41.65 -6.23 15.21
CA GLU B 224 -41.22 -7.21 16.18
C GLU B 224 -39.88 -7.85 15.86
N VAL B 225 -39.22 -7.41 14.79
CA VAL B 225 -37.81 -7.72 14.60
C VAL B 225 -36.93 -6.68 15.29
N THR B 226 -37.37 -5.42 15.26
CA THR B 226 -36.69 -4.40 16.04
C THR B 226 -36.88 -4.62 17.53
N ASN B 227 -37.98 -5.26 17.93
CA ASN B 227 -38.22 -5.50 19.35
C ASN B 227 -37.28 -6.56 19.90
N PHE B 228 -36.99 -7.60 19.12
CA PHE B 228 -36.08 -8.65 19.59
C PHE B 228 -34.69 -8.10 19.86
N LEU B 229 -34.23 -7.18 19.03
CA LEU B 229 -32.91 -6.59 19.23
C LEU B 229 -32.94 -5.43 20.23
N ARG B 230 -34.09 -4.79 20.41
CA ARG B 230 -34.17 -3.66 21.33
C ARG B 230 -34.12 -4.12 22.78
N LYS B 231 -34.80 -5.23 23.09
CA LYS B 231 -34.78 -5.77 24.45
C LYS B 231 -33.53 -6.59 24.73
N SER B 232 -32.85 -7.08 23.70
CA SER B 232 -31.63 -7.86 23.92
C SER B 232 -30.47 -6.96 24.32
N VAL B 233 -30.39 -5.76 23.75
CA VAL B 233 -29.35 -4.82 24.15
C VAL B 233 -29.60 -4.34 25.57
N LYS B 234 -30.87 -4.09 25.93
CA LYS B 234 -31.21 -3.77 27.30
C LYS B 234 -30.94 -4.95 28.23
N ARG B 235 -30.92 -6.17 27.70
CA ARG B 235 -30.55 -7.33 28.50
C ARG B 235 -29.04 -7.43 28.66
N MET B 236 -28.29 -7.20 27.57
CA MET B 236 -26.84 -7.24 27.62
C MET B 236 -26.28 -6.03 28.34
N VAL B 249 -13.18 -2.95 28.14
CA VAL B 249 -13.87 -1.92 27.36
C VAL B 249 -14.09 -2.39 25.94
N ASP B 250 -15.35 -2.49 25.54
CA ASP B 250 -15.72 -2.95 24.20
C ASP B 250 -16.67 -1.92 23.58
N PHE B 251 -17.39 -2.34 22.54
CA PHE B 251 -18.31 -1.44 21.86
C PHE B 251 -19.45 -1.03 22.78
N LEU B 252 -19.93 -1.95 23.62
CA LEU B 252 -20.99 -1.60 24.56
C LEU B 252 -20.49 -0.68 25.67
N GLN B 253 -19.30 -0.97 26.19
CA GLN B 253 -18.76 -0.16 27.29
C GLN B 253 -18.36 1.23 26.82
N LEU B 254 -17.93 1.36 25.56
CA LEU B 254 -17.52 2.65 25.01
C LEU B 254 -18.67 3.63 24.90
N MET B 255 -19.92 3.18 25.03
CA MET B 255 -21.08 4.05 24.89
C MET B 255 -21.81 4.29 26.20
N ILE B 256 -21.78 3.33 27.12
CA ILE B 256 -22.39 3.56 28.43
C ILE B 256 -21.57 4.57 29.23
N ASP B 257 -20.25 4.59 29.03
CA ASP B 257 -19.42 5.57 29.72
C ASP B 257 -19.72 6.98 29.24
N SER B 258 -20.01 7.14 27.95
CA SER B 258 -20.46 8.43 27.43
C SER B 258 -21.90 8.74 27.79
N GLN B 259 -22.68 7.72 28.15
CA GLN B 259 -24.06 7.95 28.59
C GLN B 259 -24.11 8.45 30.03
N ASN B 260 -23.28 7.90 30.90
CA ASN B 260 -23.23 8.32 32.29
C ASN B 260 -22.56 9.68 32.43
N ALA B 269 -25.17 13.35 24.61
CA ALA B 269 -26.60 13.19 24.91
C ALA B 269 -27.11 11.85 24.37
N LEU B 270 -26.27 10.83 24.45
CA LEU B 270 -26.63 9.50 23.96
C LEU B 270 -27.75 8.92 24.82
N SER B 271 -28.93 8.75 24.23
CA SER B 271 -30.08 8.21 24.92
C SER B 271 -30.11 6.68 24.78
N ASP B 272 -31.02 6.06 25.54
CA ASP B 272 -31.16 4.60 25.50
C ASP B 272 -31.77 4.11 24.19
N LEU B 273 -32.37 5.00 23.41
CA LEU B 273 -32.93 4.63 22.11
C LEU B 273 -31.89 4.69 20.99
N GLU B 274 -31.07 5.74 20.97
CA GLU B 274 -30.00 5.84 19.99
C GLU B 274 -28.92 4.78 20.21
N LEU B 275 -28.84 4.23 21.42
CA LEU B 275 -27.86 3.18 21.70
C LEU B 275 -28.21 1.91 20.95
N VAL B 276 -29.46 1.45 21.04
CA VAL B 276 -29.88 0.22 20.39
C VAL B 276 -29.74 0.34 18.87
N ALA B 277 -29.97 1.53 18.33
CA ALA B 277 -29.86 1.72 16.88
C ALA B 277 -28.46 1.39 16.39
N GLN B 278 -27.43 1.69 17.18
CA GLN B 278 -26.07 1.39 16.77
C GLN B 278 -25.78 -0.10 16.88
N SER B 279 -26.33 -0.78 17.89
CA SER B 279 -26.12 -2.20 18.03
C SER B 279 -26.76 -2.98 16.88
N ILE B 280 -27.90 -2.50 16.38
CA ILE B 280 -28.52 -3.13 15.22
C ILE B 280 -27.62 -3.01 14.00
N ILE B 281 -26.92 -1.88 13.89
CA ILE B 281 -26.02 -1.69 12.75
C ILE B 281 -24.84 -2.65 12.83
N PHE B 282 -24.22 -2.76 14.01
CA PHE B 282 -23.04 -3.60 14.15
C PHE B 282 -23.38 -5.08 14.03
N ILE B 283 -24.52 -5.49 14.57
CA ILE B 283 -24.89 -6.90 14.53
C ILE B 283 -25.21 -7.34 13.11
N PHE B 284 -25.97 -6.53 12.37
CA PHE B 284 -26.29 -6.87 10.99
C PHE B 284 -25.05 -6.85 10.11
N ALA B 285 -24.20 -5.83 10.26
CA ALA B 285 -23.02 -5.73 9.42
C ALA B 285 -22.02 -6.83 9.75
N GLY B 286 -21.76 -7.06 11.04
CA GLY B 286 -20.83 -8.10 11.43
C GLY B 286 -21.27 -9.50 11.08
N TYR B 287 -22.56 -9.71 10.84
CA TYR B 287 -23.09 -11.02 10.47
C TYR B 287 -23.27 -11.17 8.96
N GLU B 288 -24.01 -10.26 8.34
CA GLU B 288 -24.36 -10.43 6.93
C GLU B 288 -23.18 -10.12 6.02
N THR B 289 -22.44 -9.04 6.29
CA THR B 289 -21.33 -8.67 5.42
C THR B 289 -20.19 -9.68 5.52
N THR B 290 -19.94 -10.22 6.72
CA THR B 290 -18.84 -11.16 6.88
C THR B 290 -19.16 -12.49 6.21
N SER B 291 -20.34 -13.05 6.48
CA SER B 291 -20.68 -14.38 5.96
C SER B 291 -20.80 -14.38 4.46
N SER B 292 -21.35 -13.31 3.88
CA SER B 292 -21.55 -13.26 2.44
C SER B 292 -20.21 -13.21 1.69
N VAL B 293 -19.26 -12.42 2.19
CA VAL B 293 -17.95 -12.33 1.55
C VAL B 293 -17.20 -13.63 1.70
N LEU B 294 -17.24 -14.24 2.89
CA LEU B 294 -16.56 -15.52 3.10
C LEU B 294 -17.07 -16.58 2.13
N SER B 295 -18.39 -16.61 1.90
CA SER B 295 -18.93 -17.53 0.91
C SER B 295 -18.46 -17.16 -0.50
N PHE B 296 -18.31 -15.86 -0.77
CA PHE B 296 -17.73 -15.44 -2.04
C PHE B 296 -16.26 -15.80 -2.14
N ILE B 297 -15.55 -15.79 -1.01
CA ILE B 297 -14.15 -16.21 -1.02
C ILE B 297 -14.03 -17.70 -1.29
N MET B 298 -14.82 -18.51 -0.58
CA MET B 298 -14.73 -19.96 -0.73
C MET B 298 -15.17 -20.43 -2.10
N TYR B 299 -16.09 -19.69 -2.74
CA TYR B 299 -16.50 -20.04 -4.10
C TYR B 299 -15.35 -19.89 -5.08
N GLU B 300 -14.60 -18.79 -4.98
CA GLU B 300 -13.47 -18.58 -5.89
C GLU B 300 -12.35 -19.57 -5.63
N LEU B 301 -12.13 -19.94 -4.36
CA LEU B 301 -11.08 -20.91 -4.05
C LEU B 301 -11.44 -22.30 -4.55
N ALA B 302 -12.73 -22.63 -4.62
CA ALA B 302 -13.13 -23.94 -5.13
C ALA B 302 -13.05 -23.97 -6.65
N THR B 303 -13.45 -22.89 -7.32
CA THR B 303 -13.34 -22.81 -8.77
C THR B 303 -11.93 -22.49 -9.24
N HIS B 304 -11.02 -22.19 -8.32
CA HIS B 304 -9.61 -21.98 -8.65
C HIS B 304 -8.76 -22.73 -7.65
N PRO B 305 -8.57 -24.04 -7.85
CA PRO B 305 -7.78 -24.82 -6.90
C PRO B 305 -6.33 -24.39 -6.81
N ASP B 306 -5.76 -23.84 -7.88
CA ASP B 306 -4.39 -23.34 -7.83
C ASP B 306 -4.26 -22.15 -6.88
N VAL B 307 -5.32 -21.34 -6.77
CA VAL B 307 -5.30 -20.24 -5.82
C VAL B 307 -5.51 -20.74 -4.40
N GLN B 308 -6.38 -21.75 -4.23
CA GLN B 308 -6.63 -22.28 -2.89
C GLN B 308 -5.41 -23.02 -2.35
N GLN B 309 -4.76 -23.84 -3.19
CA GLN B 309 -3.59 -24.57 -2.75
C GLN B 309 -2.42 -23.63 -2.47
N LYS B 310 -2.20 -22.64 -3.34
CA LYS B 310 -1.14 -21.67 -3.10
C LYS B 310 -1.40 -20.86 -1.84
N LEU B 311 -2.67 -20.63 -1.51
CA LEU B 311 -3.00 -19.95 -0.26
C LEU B 311 -2.85 -20.87 0.94
N GLN B 312 -3.11 -22.16 0.77
CA GLN B 312 -2.92 -23.11 1.87
C GLN B 312 -1.44 -23.31 2.20
N GLU B 313 -0.57 -23.25 1.19
CA GLU B 313 0.86 -23.41 1.44
C GLU B 313 1.44 -22.22 2.21
N GLU B 314 0.87 -21.03 2.00
CA GLU B 314 1.37 -19.85 2.70
C GLU B 314 0.99 -19.86 4.17
N ILE B 315 -0.22 -20.34 4.48
CA ILE B 315 -0.67 -20.37 5.87
C ILE B 315 0.17 -21.36 6.68
N ASP B 316 0.52 -22.50 6.07
CA ASP B 316 1.34 -23.48 6.77
C ASP B 316 2.78 -23.00 6.98
N ALA B 317 3.24 -22.02 6.20
CA ALA B 317 4.59 -21.50 6.36
C ALA B 317 4.67 -20.53 7.52
N VAL B 318 3.79 -19.53 7.54
CA VAL B 318 3.79 -18.56 8.63
C VAL B 318 3.31 -19.21 9.93
N LEU B 319 2.49 -20.25 9.83
CA LEU B 319 1.95 -20.96 10.99
C LEU B 319 2.22 -22.45 10.83
N PRO B 320 3.40 -22.91 11.23
CA PRO B 320 3.70 -24.34 11.12
C PRO B 320 2.99 -25.15 12.21
N ASN B 321 2.77 -26.43 11.88
CA ASN B 321 2.09 -27.37 12.79
C ASN B 321 0.71 -26.86 13.20
N LYS B 322 0.03 -26.18 12.28
CA LYS B 322 -1.28 -25.57 12.53
C LYS B 322 -1.23 -24.65 13.74
N ALA B 323 -0.24 -23.75 13.73
CA ALA B 323 -0.08 -22.81 14.83
C ALA B 323 -1.26 -21.85 14.88
N PRO B 324 -1.72 -21.47 16.07
CA PRO B 324 -2.84 -20.53 16.18
C PRO B 324 -2.48 -19.17 15.61
N PRO B 325 -3.32 -18.60 14.75
CA PRO B 325 -3.02 -17.29 14.18
C PRO B 325 -3.21 -16.18 15.20
N THR B 326 -2.25 -15.25 15.22
CA THR B 326 -2.29 -14.10 16.10
C THR B 326 -2.54 -12.84 15.27
N TYR B 327 -2.43 -11.68 15.93
CA TYR B 327 -2.71 -10.42 15.23
C TYR B 327 -1.64 -10.11 14.19
N ASP B 328 -0.38 -10.44 14.48
CA ASP B 328 0.70 -10.06 13.58
C ASP B 328 0.83 -11.01 12.40
N THR B 329 0.63 -12.31 12.63
CA THR B 329 0.76 -13.28 11.55
C THR B 329 -0.30 -13.12 10.47
N VAL B 330 -1.42 -12.46 10.78
CA VAL B 330 -2.44 -12.22 9.77
C VAL B 330 -1.97 -11.16 8.77
N LEU B 331 -1.44 -10.05 9.29
CA LEU B 331 -0.98 -8.98 8.41
C LEU B 331 0.25 -9.36 7.61
N GLN B 332 0.98 -10.40 8.03
CA GLN B 332 2.15 -10.84 7.28
CA GLN B 332 2.15 -10.82 7.27
C GLN B 332 1.76 -11.56 6.00
N MET B 333 0.68 -12.34 6.04
CA MET B 333 0.23 -13.10 4.88
C MET B 333 -0.15 -12.17 3.72
N GLU B 334 0.70 -12.14 2.69
CA GLU B 334 0.48 -11.25 1.57
C GLU B 334 -0.59 -11.78 0.62
N TYR B 335 -0.50 -13.06 0.26
CA TYR B 335 -1.45 -13.63 -0.70
C TYR B 335 -2.86 -13.70 -0.13
N LEU B 336 -2.99 -13.85 1.18
CA LEU B 336 -4.31 -13.83 1.80
C LEU B 336 -4.99 -12.49 1.59
N ASP B 337 -4.25 -11.39 1.75
CA ASP B 337 -4.81 -10.07 1.49
C ASP B 337 -5.11 -9.88 0.01
N MET B 338 -4.36 -10.55 -0.86
CA MET B 338 -4.60 -10.42 -2.30
C MET B 338 -5.85 -11.19 -2.73
N VAL B 339 -6.20 -12.26 -2.02
CA VAL B 339 -7.41 -13.00 -2.34
C VAL B 339 -8.65 -12.27 -1.83
N VAL B 340 -8.56 -11.68 -0.63
CA VAL B 340 -9.68 -10.91 -0.10
C VAL B 340 -9.94 -9.68 -0.95
N ASN B 341 -8.88 -8.99 -1.36
CA ASN B 341 -9.06 -7.77 -2.14
C ASN B 341 -9.61 -8.04 -3.53
N GLU B 342 -9.28 -9.20 -4.11
CA GLU B 342 -9.80 -9.53 -5.43
C GLU B 342 -11.27 -9.92 -5.38
N THR B 343 -11.68 -10.64 -4.33
CA THR B 343 -13.08 -11.01 -4.18
C THR B 343 -13.94 -9.78 -3.90
N LEU B 344 -13.44 -8.86 -3.07
CA LEU B 344 -14.16 -7.62 -2.83
C LEU B 344 -14.24 -6.78 -4.09
N ARG B 345 -13.30 -6.96 -5.02
CA ARG B 345 -13.40 -6.30 -6.32
C ARG B 345 -14.50 -6.92 -7.17
N LEU B 346 -14.55 -8.25 -7.21
CA LEU B 346 -15.57 -8.93 -8.01
C LEU B 346 -16.95 -8.79 -7.38
N PHE B 347 -17.03 -8.84 -6.05
CA PHE B 347 -18.30 -8.79 -5.33
C PHE B 347 -18.27 -7.67 -4.29
N PRO B 348 -18.39 -6.41 -4.73
CA PRO B 348 -18.56 -5.31 -3.77
C PRO B 348 -19.98 -5.29 -3.24
N ILE B 349 -20.15 -5.72 -1.99
CA ILE B 349 -21.48 -5.92 -1.42
C ILE B 349 -22.27 -4.61 -1.35
N ALA B 350 -21.60 -3.47 -1.41
CA ALA B 350 -22.32 -2.20 -1.38
C ALA B 350 -22.78 -1.80 -2.77
N MET B 351 -22.04 -2.20 -3.81
CA MET B 351 -22.40 -1.98 -5.21
C MET B 351 -22.29 -0.50 -5.59
N ARG B 352 -22.88 0.39 -4.79
CA ARG B 352 -22.89 1.80 -5.10
C ARG B 352 -22.49 2.63 -3.89
N LEU B 353 -21.87 3.77 -4.15
CA LEU B 353 -21.61 4.80 -3.15
C LEU B 353 -22.43 6.03 -3.50
N GLU B 354 -23.06 6.63 -2.50
CA GLU B 354 -23.98 7.74 -2.73
C GLU B 354 -23.72 8.87 -1.75
N ARG B 355 -23.77 10.10 -2.26
CA ARG B 355 -23.70 11.32 -1.46
C ARG B 355 -24.72 12.31 -2.00
N VAL B 356 -25.38 13.03 -1.11
CA VAL B 356 -26.40 14.00 -1.48
C VAL B 356 -25.76 15.38 -1.52
N CYS B 357 -25.84 16.02 -2.69
CA CYS B 357 -25.32 17.37 -2.86
C CYS B 357 -26.20 18.37 -2.10
N LYS B 358 -25.64 19.01 -1.08
CA LYS B 358 -26.42 19.88 -0.20
C LYS B 358 -26.42 21.33 -0.65
N LYS B 359 -25.60 21.70 -1.64
CA LYS B 359 -25.60 23.07 -2.15
C LYS B 359 -24.88 23.09 -3.49
N ASP B 360 -25.19 24.11 -4.28
CA ASP B 360 -24.65 24.22 -5.63
C ASP B 360 -23.13 24.26 -5.60
N VAL B 361 -22.51 23.40 -6.42
CA VAL B 361 -21.06 23.28 -6.48
C VAL B 361 -20.63 23.09 -7.92
N GLU B 362 -19.35 23.38 -8.17
CA GLU B 362 -18.72 23.21 -9.48
C GLU B 362 -17.39 22.49 -9.23
N ILE B 363 -17.41 21.17 -9.28
CA ILE B 363 -16.27 20.34 -8.90
C ILE B 363 -15.61 19.78 -10.16
N ASN B 364 -14.28 19.90 -10.23
CA ASN B 364 -13.48 19.31 -11.31
C ASN B 364 -14.00 19.71 -12.69
N GLY B 365 -14.46 20.95 -12.79
CA GLY B 365 -14.97 21.44 -14.06
C GLY B 365 -16.34 20.93 -14.44
N MET B 366 -17.25 20.81 -13.48
CA MET B 366 -18.61 20.37 -13.75
C MET B 366 -19.52 20.88 -12.66
N PHE B 367 -20.60 21.56 -13.05
CA PHE B 367 -21.55 22.11 -12.10
C PHE B 367 -22.56 21.06 -11.66
N ILE B 368 -22.82 21.02 -10.36
CA ILE B 368 -23.77 20.08 -9.78
C ILE B 368 -24.76 20.86 -8.92
N PRO B 369 -26.05 20.88 -9.25
CA PRO B 369 -27.01 21.63 -8.45
C PRO B 369 -27.30 20.94 -7.12
N LYS B 370 -27.96 21.69 -6.24
CA LYS B 370 -28.33 21.15 -4.93
C LYS B 370 -29.47 20.15 -5.08
N GLY B 371 -29.40 19.06 -4.32
CA GLY B 371 -30.42 18.04 -4.32
C GLY B 371 -30.11 16.84 -5.18
N VAL B 372 -29.10 16.92 -6.03
CA VAL B 372 -28.75 15.81 -6.91
C VAL B 372 -27.95 14.79 -6.13
N VAL B 373 -28.32 13.52 -6.25
CA VAL B 373 -27.60 12.43 -5.58
C VAL B 373 -26.42 12.04 -6.45
N VAL B 374 -25.21 12.27 -5.94
CA VAL B 374 -23.98 11.92 -6.65
C VAL B 374 -23.66 10.47 -6.32
N MET B 375 -23.69 9.61 -7.33
CA MET B 375 -23.49 8.19 -7.16
C MET B 375 -22.21 7.74 -7.84
N ILE B 376 -21.47 6.86 -7.17
CA ILE B 376 -20.25 6.26 -7.71
C ILE B 376 -20.54 4.79 -8.00
N PRO B 377 -20.62 4.37 -9.26
CA PRO B 377 -20.88 2.96 -9.56
C PRO B 377 -19.72 2.06 -9.18
N SER B 378 -19.68 1.64 -7.92
CA SER B 378 -18.56 0.85 -7.42
C SER B 378 -18.46 -0.49 -8.14
N TYR B 379 -19.61 -1.12 -8.42
CA TYR B 379 -19.58 -2.40 -9.13
C TYR B 379 -19.09 -2.21 -10.56
N ALA B 380 -19.54 -1.15 -11.23
CA ALA B 380 -19.14 -0.93 -12.62
C ALA B 380 -17.68 -0.52 -12.72
N LEU B 381 -17.17 0.22 -11.73
CA LEU B 381 -15.77 0.65 -11.78
C LEU B 381 -14.81 -0.51 -11.51
N HIS B 382 -15.22 -1.46 -10.66
CA HIS B 382 -14.35 -2.59 -10.35
C HIS B 382 -14.16 -3.51 -11.55
N ARG B 383 -15.02 -3.42 -12.56
CA ARG B 383 -14.92 -4.27 -13.75
C ARG B 383 -14.77 -3.45 -15.02
N ASP B 384 -14.32 -2.21 -14.90
CA ASP B 384 -14.08 -1.36 -16.07
C ASP B 384 -12.83 -1.83 -16.79
N PRO B 385 -12.91 -2.20 -18.07
CA PRO B 385 -11.70 -2.63 -18.79
C PRO B 385 -10.63 -1.56 -18.89
N LYS B 386 -10.99 -0.29 -18.71
CA LYS B 386 -9.99 0.78 -18.75
C LYS B 386 -9.07 0.75 -17.54
N TYR B 387 -9.50 0.14 -16.44
CA TYR B 387 -8.69 0.06 -15.23
C TYR B 387 -8.33 -1.36 -14.82
N TRP B 388 -8.86 -2.38 -15.49
CA TRP B 388 -8.59 -3.77 -15.13
C TRP B 388 -8.43 -4.60 -16.38
N THR B 389 -7.30 -5.31 -16.48
CA THR B 389 -7.08 -6.24 -17.57
C THR B 389 -7.74 -7.58 -17.25
N GLU B 390 -8.59 -8.06 -18.16
CA GLU B 390 -9.39 -9.27 -17.96
C GLU B 390 -10.20 -9.13 -16.68
N PRO B 391 -11.17 -8.23 -16.62
CA PRO B 391 -11.85 -7.95 -15.34
C PRO B 391 -12.78 -9.06 -14.89
N GLU B 392 -13.38 -9.80 -15.82
CA GLU B 392 -14.32 -10.85 -15.43
C GLU B 392 -13.64 -12.05 -14.80
N LYS B 393 -12.33 -12.15 -14.93
CA LYS B 393 -11.58 -13.32 -14.44
C LYS B 393 -11.07 -13.08 -13.03
N PHE B 394 -11.06 -14.14 -12.24
CA PHE B 394 -10.58 -14.07 -10.85
C PHE B 394 -9.07 -14.24 -10.84
N LEU B 395 -8.35 -13.17 -10.54
CA LEU B 395 -6.89 -13.19 -10.51
C LEU B 395 -6.42 -12.40 -9.29
N PRO B 396 -6.07 -13.09 -8.20
CA PRO B 396 -5.55 -12.36 -7.01
C PRO B 396 -4.23 -11.65 -7.26
N GLU B 397 -3.55 -11.92 -8.37
CA GLU B 397 -2.28 -11.27 -8.66
C GLU B 397 -2.41 -9.79 -9.01
N ARG B 398 -3.64 -9.28 -9.12
CA ARG B 398 -3.82 -7.85 -9.34
C ARG B 398 -3.32 -7.04 -8.15
N PHE B 399 -3.45 -7.56 -6.94
CA PHE B 399 -3.09 -6.86 -5.72
C PHE B 399 -1.72 -7.24 -5.20
N SER B 400 -0.89 -7.89 -6.02
CA SER B 400 0.48 -8.16 -5.62
C SER B 400 1.26 -6.86 -5.52
N ALA B 401 2.30 -6.87 -4.69
CA ALA B 401 3.10 -5.66 -4.46
C ALA B 401 3.71 -5.12 -5.75
N LYS B 402 3.91 -5.97 -6.76
CA LYS B 402 4.40 -5.49 -8.04
C LYS B 402 3.29 -4.77 -8.81
N ASN B 403 2.07 -5.30 -8.77
CA ASN B 403 0.97 -4.77 -9.55
C ASN B 403 0.00 -3.91 -8.74
N ALA B 404 0.20 -3.81 -7.41
CA ALA B 404 -0.64 -2.92 -6.61
C ALA B 404 -0.48 -1.47 -7.00
N ASP B 405 0.64 -1.11 -7.64
CA ASP B 405 0.85 0.27 -8.08
C ASP B 405 -0.22 0.70 -9.07
N ASN B 406 -0.57 -0.18 -10.01
CA ASN B 406 -1.54 0.13 -11.06
C ASN B 406 -2.98 0.21 -10.56
N ILE B 407 -3.25 0.30 -9.27
CA ILE B 407 -4.61 0.32 -8.73
C ILE B 407 -4.90 1.72 -8.21
N ASP B 408 -5.94 2.34 -8.75
CA ASP B 408 -6.35 3.67 -8.31
C ASP B 408 -7.19 3.56 -7.04
N PRO B 409 -6.83 4.26 -5.96
CA PRO B 409 -7.59 4.14 -4.71
C PRO B 409 -9.00 4.72 -4.77
N TYR B 410 -9.40 5.33 -5.88
CA TYR B 410 -10.74 5.86 -6.03
C TYR B 410 -11.57 5.12 -7.06
N ILE B 411 -11.01 4.12 -7.71
CA ILE B 411 -11.76 3.20 -8.55
C ILE B 411 -12.14 1.94 -7.78
N TYR B 412 -11.19 1.38 -7.02
CA TYR B 412 -11.43 0.23 -6.17
C TYR B 412 -11.72 0.75 -4.76
N THR B 413 -13.00 0.88 -4.43
CA THR B 413 -13.44 1.36 -3.13
C THR B 413 -14.49 0.39 -2.58
N PRO B 414 -14.07 -0.78 -2.10
CA PRO B 414 -15.05 -1.70 -1.50
C PRO B 414 -15.58 -1.24 -0.16
N PHE B 415 -14.82 -0.40 0.56
CA PHE B 415 -15.25 0.16 1.82
C PHE B 415 -15.53 1.66 1.73
N GLY B 416 -15.77 2.16 0.51
CA GLY B 416 -15.95 3.58 0.34
C GLY B 416 -14.62 4.32 0.51
N SER B 417 -14.74 5.62 0.75
CA SER B 417 -13.57 6.46 0.96
C SER B 417 -14.01 7.74 1.64
N GLY B 418 -13.03 8.43 2.23
CA GLY B 418 -13.28 9.70 2.87
C GLY B 418 -13.68 9.55 4.32
N PRO B 419 -14.15 10.65 4.93
CA PRO B 419 -14.51 10.61 6.36
C PRO B 419 -15.70 9.73 6.67
N ARG B 420 -16.47 9.30 5.68
CA ARG B 420 -17.65 8.47 5.89
C ARG B 420 -17.49 7.11 5.21
N ASN B 421 -16.32 6.50 5.36
CA ASN B 421 -16.06 5.18 4.81
C ASN B 421 -16.59 4.13 5.78
N CYS B 422 -16.29 2.85 5.51
CA CYS B 422 -16.68 1.78 6.41
C CYS B 422 -15.93 1.91 7.73
N ILE B 423 -16.66 2.12 8.82
CA ILE B 423 -16.01 2.29 10.11
C ILE B 423 -15.42 0.98 10.60
N GLY B 424 -16.00 -0.15 10.17
CA GLY B 424 -15.48 -1.45 10.57
C GLY B 424 -14.62 -2.09 9.51
N MET B 425 -13.99 -1.24 8.67
CA MET B 425 -13.14 -1.75 7.60
C MET B 425 -11.98 -2.56 8.17
N ARG B 426 -11.18 -1.94 9.04
CA ARG B 426 -10.10 -2.67 9.71
C ARG B 426 -10.63 -3.80 10.58
N PHE B 427 -11.87 -3.71 11.04
CA PHE B 427 -12.49 -4.80 11.79
C PHE B 427 -12.92 -5.92 10.87
N ALA B 428 -13.64 -5.59 9.80
CA ALA B 428 -14.09 -6.63 8.87
C ALA B 428 -12.92 -7.29 8.15
N LEU B 429 -11.95 -6.49 7.70
CA LEU B 429 -10.78 -7.06 7.03
C LEU B 429 -10.01 -8.00 7.96
N MET B 430 -9.98 -7.70 9.26
CA MET B 430 -9.33 -8.60 10.21
C MET B 430 -10.21 -9.79 10.53
N ASN B 431 -11.50 -9.55 10.78
CA ASN B 431 -12.40 -10.63 11.17
C ASN B 431 -12.59 -11.64 10.05
N MET B 432 -12.61 -11.17 8.80
CA MET B 432 -12.75 -12.10 7.67
C MET B 432 -11.48 -12.92 7.47
N LYS B 433 -10.31 -12.27 7.59
CA LYS B 433 -9.06 -13.00 7.43
C LYS B 433 -8.83 -13.98 8.57
N LEU B 434 -9.33 -13.66 9.77
CA LEU B 434 -9.24 -14.61 10.88
C LEU B 434 -10.06 -15.86 10.61
N ALA B 435 -11.13 -15.74 9.83
CA ALA B 435 -11.93 -16.90 9.47
C ALA B 435 -11.31 -17.70 8.32
N LEU B 436 -10.66 -17.00 7.38
CA LEU B 436 -10.09 -17.69 6.23
C LEU B 436 -8.84 -18.50 6.60
N ILE B 437 -8.13 -18.09 7.65
CA ILE B 437 -6.91 -18.78 8.03
C ILE B 437 -7.23 -20.10 8.71
N ARG B 438 -8.14 -20.09 9.68
CA ARG B 438 -8.42 -21.29 10.46
C ARG B 438 -9.21 -22.34 9.68
N VAL B 439 -9.64 -22.04 8.47
CA VAL B 439 -10.39 -22.99 7.65
C VAL B 439 -9.48 -23.72 6.67
N LEU B 440 -8.61 -22.99 5.97
CA LEU B 440 -7.72 -23.62 5.00
C LEU B 440 -6.60 -24.42 5.67
N GLN B 441 -6.46 -24.35 6.99
CA GLN B 441 -5.49 -25.18 7.68
C GLN B 441 -5.94 -26.63 7.81
N ASN B 442 -7.26 -26.87 7.79
CA ASN B 442 -7.79 -28.21 8.03
C ASN B 442 -8.64 -28.75 6.89
N PHE B 443 -9.12 -27.92 5.97
CA PHE B 443 -10.05 -28.38 4.95
C PHE B 443 -9.72 -27.75 3.60
N SER B 444 -9.94 -28.54 2.55
CA SER B 444 -9.94 -28.06 1.17
C SER B 444 -11.37 -28.13 0.63
N PHE B 445 -11.69 -27.23 -0.31
CA PHE B 445 -13.04 -27.09 -0.81
C PHE B 445 -13.08 -27.39 -2.30
N LYS B 446 -13.98 -28.28 -2.69
CA LYS B 446 -14.20 -28.69 -4.06
C LYS B 446 -15.66 -28.45 -4.46
N PRO B 447 -15.94 -28.26 -5.74
CA PRO B 447 -17.33 -28.13 -6.18
C PRO B 447 -18.13 -29.39 -5.91
N CYS B 448 -19.45 -29.23 -5.89
CA CYS B 448 -20.38 -30.32 -5.56
C CYS B 448 -21.28 -30.71 -6.73
N LYS B 449 -21.00 -30.20 -7.94
CA LYS B 449 -21.83 -30.41 -9.11
C LYS B 449 -23.11 -29.60 -8.98
N GLU B 450 -23.86 -29.78 -7.89
CA GLU B 450 -24.99 -28.91 -7.60
C GLU B 450 -24.55 -27.50 -7.22
N THR B 451 -23.25 -27.23 -7.19
CA THR B 451 -22.76 -25.87 -6.97
C THR B 451 -22.97 -25.04 -8.23
N GLN B 452 -23.49 -23.84 -8.07
CA GLN B 452 -23.80 -22.97 -9.21
C GLN B 452 -22.51 -22.46 -9.82
N ILE B 453 -22.09 -23.07 -10.93
CA ILE B 453 -20.89 -22.65 -11.64
C ILE B 453 -21.28 -22.30 -13.08
N PRO B 454 -21.17 -21.03 -13.51
CA PRO B 454 -20.69 -19.90 -12.72
C PRO B 454 -21.73 -19.38 -11.74
N LEU B 455 -21.27 -18.64 -10.73
CA LEU B 455 -22.16 -18.11 -9.70
C LEU B 455 -23.02 -17.00 -10.27
N LYS B 456 -24.34 -17.17 -10.20
CA LYS B 456 -25.28 -16.14 -10.64
C LYS B 456 -25.57 -15.20 -9.48
N LEU B 457 -25.20 -13.93 -9.64
CA LEU B 457 -25.54 -12.94 -8.63
C LEU B 457 -27.05 -12.71 -8.61
N SER B 458 -27.55 -12.31 -7.44
CA SER B 458 -28.98 -12.04 -7.28
C SER B 458 -29.34 -10.75 -8.01
N LEU B 459 -30.15 -10.86 -9.06
CA LEU B 459 -30.58 -9.70 -9.81
C LEU B 459 -31.72 -8.98 -9.09
N GLY B 460 -31.69 -9.00 -7.75
CA GLY B 460 -32.71 -8.32 -6.98
C GLY B 460 -32.18 -7.03 -6.36
N GLY B 461 -32.26 -6.93 -5.06
CA GLY B 461 -31.81 -5.74 -4.36
C GLY B 461 -30.32 -5.69 -3.91
N LEU B 462 -30.06 -6.31 -2.78
CA LEU B 462 -28.69 -6.41 -2.30
C LEU B 462 -27.89 -7.43 -3.11
N LEU B 463 -26.59 -7.47 -2.88
CA LEU B 463 -25.69 -8.32 -3.65
C LEU B 463 -25.55 -9.68 -2.96
N GLN B 464 -26.01 -10.73 -3.65
CA GLN B 464 -25.95 -12.08 -3.12
C GLN B 464 -25.99 -13.05 -4.29
N PRO B 465 -25.67 -14.32 -4.08
CA PRO B 465 -25.92 -15.32 -5.11
C PRO B 465 -27.39 -15.71 -5.15
N GLU B 466 -27.83 -16.12 -6.34
CA GLU B 466 -29.19 -16.62 -6.51
C GLU B 466 -29.39 -17.88 -5.68
N LYS B 467 -28.73 -18.96 -6.10
CA LYS B 467 -28.73 -20.19 -5.33
C LYS B 467 -27.64 -20.14 -4.26
N PRO B 468 -27.92 -20.65 -3.06
CA PRO B 468 -26.91 -20.62 -1.99
C PRO B 468 -25.66 -21.40 -2.39
N VAL B 469 -24.52 -20.94 -1.92
CA VAL B 469 -23.24 -21.56 -2.24
C VAL B 469 -23.10 -22.85 -1.45
N VAL B 470 -22.81 -23.94 -2.16
CA VAL B 470 -22.60 -25.26 -1.55
C VAL B 470 -21.31 -25.84 -2.10
N LEU B 471 -20.49 -26.38 -1.21
CA LEU B 471 -19.20 -26.96 -1.60
C LEU B 471 -18.94 -28.22 -0.79
N LYS B 472 -18.08 -29.08 -1.33
CA LYS B 472 -17.66 -30.28 -0.64
C LYS B 472 -16.44 -29.95 0.24
N VAL B 473 -16.48 -30.42 1.48
CA VAL B 473 -15.44 -30.13 2.46
C VAL B 473 -14.66 -31.41 2.70
N GLU B 474 -13.41 -31.43 2.26
CA GLU B 474 -12.51 -32.56 2.47
C GLU B 474 -11.46 -32.18 3.52
N SER B 475 -11.30 -33.02 4.53
CA SER B 475 -10.34 -32.74 5.60
C SER B 475 -8.93 -33.13 5.18
N ARG B 476 -7.96 -32.41 5.73
CA ARG B 476 -6.56 -32.64 5.43
C ARG B 476 -5.91 -33.52 6.50
CHA HEM C . 16.53 1.02 1.82
CHB HEM C . 17.60 1.58 -2.88
CHC HEM C . 15.83 6.10 -2.72
CHD HEM C . 14.41 5.39 1.88
C1A HEM C . 16.96 0.76 0.53
C2A HEM C . 17.47 -0.50 0.04
C3A HEM C . 17.77 -0.34 -1.25
C4A HEM C . 17.44 1.03 -1.63
CMA HEM C . 18.35 -1.41 -2.19
CAA HEM C . 17.66 -1.78 0.88
CBA HEM C . 16.64 -2.85 0.48
CGA HEM C . 17.02 -4.15 1.13
O1A HEM C . 16.43 -5.20 0.75
O2A HEM C . 17.91 -4.16 2.01
C1B HEM C . 17.23 2.86 -3.26
C2B HEM C . 17.39 3.45 -4.56
C3B HEM C . 16.90 4.71 -4.53
C4B HEM C . 16.41 4.93 -3.18
CMB HEM C . 18.03 2.70 -5.76
CAB HEM C . 16.81 5.79 -5.64
CBB HEM C . 17.18 5.61 -6.91
C1C HEM C . 15.24 6.29 -1.49
C2C HEM C . 14.44 7.43 -1.09
C3C HEM C . 14.05 7.25 0.17
C4C HEM C . 14.58 5.98 0.63
CMC HEM C . 14.11 8.65 -1.97
CAC HEM C . 13.17 8.27 0.95
CBC HEM C . 12.78 8.10 2.21
C1D HEM C . 14.88 4.16 2.28
C2D HEM C . 14.77 3.59 3.60
C3D HEM C . 15.36 2.38 3.59
C4D HEM C . 15.87 2.15 2.25
CMD HEM C . 14.10 4.25 4.82
CAD HEM C . 15.47 1.40 4.78
CBD HEM C . 14.16 0.62 4.90
CGD HEM C . 14.24 -0.32 6.06
O1D HEM C . 13.19 -0.92 6.42
O2D HEM C . 15.35 -0.50 6.63
NA HEM C . 16.94 1.66 -0.51
NB HEM C . 16.63 3.80 -2.44
NC HEM C . 15.30 5.43 -0.40
ND HEM C . 15.56 3.25 1.47
FE HEM C . 16.08 3.52 -0.47
C10 X7J D . 23.18 0.67 5.91
C02 X7J D . 28.16 1.98 3.23
C03 X7J D . 27.47 3.08 2.39
C04 X7J D . 28.80 2.58 4.47
C06 X7J D . 26.78 0.79 4.91
C09 X7J D . 24.23 0.78 4.74
C12 X7J D . 23.09 3.66 6.66
C13 X7J D . 23.53 4.71 7.71
C01 X7J D . 29.31 1.42 2.36
C14 X7J D . 23.27 6.17 7.34
C15 X7J D . 23.84 6.78 6.22
C16 X7J D . 23.58 8.13 5.91
C17 X7J D . 22.74 8.90 6.71
C18 X7J D . 22.17 8.30 7.82
C19 X7J D . 22.43 6.96 8.12
C20 X7J D . 21.58 3.73 6.31
C23 X7J D . 19.70 4.02 4.62
C24 X7J D . 19.15 5.48 4.68
C25 X7J D . 19.21 6.27 3.33
C26 X7J D . 19.24 5.44 2.05
C27 X7J D . 18.06 4.94 1.47
C29 X7J D . 19.14 3.92 -0.31
C30 X7J D . 20.37 4.37 0.17
C31 X7J D . 20.41 5.13 1.34
C32 X7J D . 23.70 1.74 3.62
C33 X7J D . 22.64 1.17 2.69
C34 X7J D . 22.96 0.56 1.48
C35 X7J D . 21.98 0.04 0.64
C36 X7J D . 20.63 0.12 0.99
C37 X7J D . 20.30 0.72 2.19
C38 X7J D . 21.29 1.23 3.02
N08 X7J D . 25.52 1.24 5.33
N22 X7J D . 21.13 3.94 5.02
N28 X7J D . 17.99 4.20 0.34
O05 X7J D . 27.18 1.01 3.60
O07 X7J D . 27.40 -0.07 5.54
O21 X7J D . 20.74 3.62 7.23
S11 X7J D . 23.42 1.91 7.27
S SO4 E . 28.36 1.54 -23.86
O1 SO4 E . 28.84 2.55 -24.80
O2 SO4 E . 29.25 1.49 -22.70
O3 SO4 E . 28.33 0.24 -24.50
O4 SO4 E . 27.02 1.89 -23.41
C1 GOL F . 41.19 -14.14 -4.17
O1 GOL F . 40.67 -15.32 -3.58
C2 GOL F . 40.05 -13.20 -4.52
O2 GOL F . 39.44 -13.63 -5.72
C3 GOL F . 40.59 -11.79 -4.70
O3 GOL F . 39.64 -11.01 -5.39
C1 GOL G . 32.95 -0.36 -4.67
O1 GOL G . 33.36 0.05 -3.39
C2 GOL G . 33.76 0.38 -5.72
O2 GOL G . 33.03 1.51 -6.16
C3 GOL G . 34.06 -0.53 -6.91
O3 GOL G . 34.60 -1.74 -6.45
C1 EDO H . 27.09 -17.34 -12.85
O1 EDO H . 25.97 -16.54 -13.27
C2 EDO H . 28.37 -16.83 -13.51
O2 EDO H . 28.64 -15.48 -13.12
CHA HEM I . -20.39 1.85 5.69
CHB HEM I . -18.61 -1.78 2.99
CHC HEM I . -18.34 -4.59 6.94
CHD HEM I . -20.12 -0.97 9.65
C1A HEM I . -19.90 1.14 4.62
C2A HEM I . -19.73 1.63 3.27
C3A HEM I . -19.23 0.62 2.53
C4A HEM I . -19.08 -0.54 3.38
CMA HEM I . -18.88 0.68 1.03
CAA HEM I . -20.05 3.05 2.78
CBA HEM I . -18.77 3.86 2.62
CGA HEM I . -19.08 5.16 1.94
O1A HEM I . -18.13 5.92 1.61
O2A HEM I . -20.29 5.45 1.71
C1B HEM I . -18.34 -2.84 3.83
C2B HEM I . -17.71 -4.08 3.44
C3B HEM I . -17.63 -4.87 4.54
C4B HEM I . -18.22 -4.13 5.64
CMB HEM I . -17.22 -4.37 2.01
CAB HEM I . -17.05 -6.30 4.70
CBB HEM I . -16.53 -7.04 3.72
C1C HEM I . -18.75 -3.84 8.03
C2C HEM I . -18.70 -4.27 9.41
C3C HEM I . -19.19 -3.28 10.17
C4C HEM I . -19.57 -2.19 9.29
CMC HEM I . -18.19 -5.62 9.92
CAC HEM I . -19.30 -3.36 11.71
CBC HEM I . -19.81 -2.38 12.46
C1D HEM I . -20.38 0.10 8.81
C2D HEM I . -21.00 1.35 9.18
C3D HEM I . -21.08 2.13 8.11
C4D HEM I . -20.51 1.40 6.99
CMD HEM I . -21.50 1.72 10.61
CAD HEM I . -21.67 3.55 8.04
CBD HEM I . -20.64 4.55 8.55
CGD HEM I . -21.17 5.96 8.41
O1D HEM I . -20.49 6.91 8.89
O2D HEM I . -22.28 6.12 7.84
NA HEM I . -19.51 -0.19 4.65
NB HEM I . -18.65 -2.91 5.18
NC HEM I . -19.29 -2.58 7.99
ND HEM I . -20.08 0.16 7.46
FE HEM I . -19.41 -1.39 6.31
S SO4 J . -12.54 -17.35 -14.57
O1 SO4 J . -11.70 -16.59 -15.47
O2 SO4 J . -11.92 -17.39 -13.24
O3 SO4 J . -12.69 -18.71 -15.07
O4 SO4 J . -13.86 -16.72 -14.46
C10 X7J K . -28.79 2.73 3.89
C02 X7J K . -30.05 -0.70 -0.57
C03 X7J K . -30.41 -2.19 -0.73
C04 X7J K . -31.23 0.18 -0.99
C06 X7J K . -30.57 0.05 1.78
C09 X7J K . -28.75 1.63 2.75
C12 X7J K . -29.47 0.69 6.12
C13 X7J K . -30.52 0.29 7.20
C01 X7J K . -28.92 -0.41 -1.56
C14 X7J K . -30.23 -0.99 7.97
C15 X7J K . -30.07 -2.24 7.34
C16 X7J K . -29.82 -3.40 8.07
C17 X7J K . -29.69 -3.36 9.46
C18 X7J K . -29.84 -2.13 10.09
C19 X7J K . -30.10 -0.99 9.35
C20 X7J K . -28.05 0.87 6.69
C23 X7J K . -25.63 0.07 6.92
C24 X7J K . -25.38 -0.85 8.15
C25 X7J K . -24.77 -2.25 7.82
C26 X7J K . -23.76 -2.29 6.68
C27 X7J K . -22.42 -1.88 6.88
C29 X7J K . -21.78 -2.33 4.68
C30 X7J K . -23.08 -2.76 4.38
C31 X7J K . -24.05 -2.74 5.39
C32 X7J K . -27.62 0.57 3.04
C33 X7J K . -26.17 1.05 2.87
C34 X7J K . -25.40 0.73 1.74
C35 X7J K . -24.07 1.16 1.61
C36 X7J K . -23.47 1.93 2.60
C37 X7J K . -24.22 2.25 3.72
C38 X7J K . -25.54 1.82 3.84
N08 X7J K . -30.14 1.05 2.66
N22 X7J K . -27.02 -0.02 6.40
N28 X7J K . -21.46 -1.90 5.92
O05 X7J K . -29.70 -0.47 0.81
O07 X7J K . -31.60 -0.60 2.01
O21 X7J K . -27.79 1.83 7.45
S11 X7J K . -29.94 2.33 5.29
#